data_5TNS
#
_entry.id   5TNS
#
_cell.length_a   167.944
_cell.length_b   83.690
_cell.length_c   89.175
_cell.angle_alpha   90.00
_cell.angle_beta   100.31
_cell.angle_gamma   90.00
#
_symmetry.space_group_name_H-M   'C 1 2 1'
#
loop_
_entity.id
_entity.type
_entity.pdbx_description
1 polymer 'CFTR inhibitory factor'
2 non-polymer (1R,6S)-7-oxabicyclo[4.1.0]heptane
3 water water
#
_entity_poly.entity_id   1
_entity_poly.type   'polypeptide(L)'
_entity_poly.pdbx_seq_one_letter_code
;AEEFPVPNGFESAYREVDGVKLHYVKGGQGPLVMLVHGFGQTWYEWHQLMPELAKRFTVIAPDLPGLGQSEPPKTGYSGE
QVAVYLHKLARQFSPDRPFDLVAHSIGIWNTYPMVVKNQADIARLVYMEAPIPDARIYRFPAFTAQGESLVWHFSFFAAD
DRLAETLIAGKERFFLEHFIKSHASNTEVFSERLLDLYARSYAKPHSLNASFEYYRALNESVRQNAELAKTRLQMPTMTL
AGGGHGGMGTFQLEQMKAYAEDVEGHVLPGCGHWLPEECAAPMNRLVIDFLSRGRHHHHHH
;
_entity_poly.pdbx_strand_id   A,B,C,D
#
# COMPACT_ATOMS: atom_id res chain seq x y z
N ALA A 1 -5.73 3.95 -32.72
CA ALA A 1 -5.01 4.07 -31.46
C ALA A 1 -5.43 3.00 -30.47
N GLU A 2 -4.50 2.60 -29.60
CA GLU A 2 -4.74 1.55 -28.62
C GLU A 2 -4.31 2.08 -27.26
N GLU A 3 -5.23 2.08 -26.30
CA GLU A 3 -4.91 2.54 -24.97
C GLU A 3 -3.94 1.58 -24.25
N PHE A 4 -3.99 0.28 -24.59
CA PHE A 4 -3.16 -0.73 -23.95
C PHE A 4 -2.56 -1.66 -25.01
N PRO A 5 -1.36 -2.17 -24.76
CA PRO A 5 -0.68 -3.01 -25.77
C PRO A 5 -1.37 -4.35 -25.92
N VAL A 6 -1.62 -4.73 -27.18
CA VAL A 6 -2.32 -5.97 -27.48
C VAL A 6 -1.31 -7.11 -27.40
N PRO A 7 -1.64 -8.23 -26.76
CA PRO A 7 -0.71 -9.37 -26.76
C PRO A 7 -0.45 -9.86 -28.16
N ASN A 8 0.75 -10.42 -28.36
CA ASN A 8 1.13 -10.93 -29.66
C ASN A 8 0.09 -11.95 -30.14
N GLY A 9 -0.32 -11.81 -31.41
CA GLY A 9 -1.27 -12.74 -31.99
C GLY A 9 -2.72 -12.44 -31.73
N PHE A 10 -3.02 -11.40 -30.95
CA PHE A 10 -4.39 -10.96 -30.73
C PHE A 10 -4.70 -9.77 -31.63
N GLU A 11 -5.98 -9.51 -31.84
CA GLU A 11 -6.45 -8.38 -32.61
C GLU A 11 -7.30 -7.48 -31.74
N SER A 12 -7.14 -6.17 -31.92
CA SER A 12 -8.03 -5.18 -31.32
C SER A 12 -9.03 -4.73 -32.38
N ALA A 13 -10.31 -4.80 -32.04
CA ALA A 13 -11.36 -4.57 -33.03
C ALA A 13 -12.58 -3.97 -32.34
N TYR A 14 -13.60 -3.63 -33.13
CA TYR A 14 -14.83 -3.07 -32.59
C TYR A 14 -16.01 -3.76 -33.22
N ARG A 15 -17.12 -3.83 -32.47
CA ARG A 15 -18.34 -4.41 -32.99
C ARG A 15 -19.52 -3.56 -32.53
N GLU A 16 -20.32 -3.09 -33.48
CA GLU A 16 -21.51 -2.32 -33.16
C GLU A 16 -22.60 -3.28 -32.69
N VAL A 17 -23.10 -3.08 -31.47
CA VAL A 17 -24.14 -3.90 -30.87
C VAL A 17 -25.24 -2.95 -30.40
N ASP A 18 -26.43 -3.07 -30.99
CA ASP A 18 -27.56 -2.21 -30.64
C ASP A 18 -27.16 -0.73 -30.63
N GLY A 19 -26.46 -0.31 -31.67
CA GLY A 19 -26.07 1.08 -31.83
C GLY A 19 -24.91 1.54 -30.97
N VAL A 20 -24.25 0.64 -30.26
CA VAL A 20 -23.14 1.00 -29.37
C VAL A 20 -21.89 0.29 -29.88
N LYS A 21 -20.83 1.05 -30.12
CA LYS A 21 -19.58 0.49 -30.62
C LYS A 21 -18.77 -0.05 -29.44
N LEU A 22 -18.63 -1.37 -29.37
CA LEU A 22 -17.88 -2.02 -28.30
C LEU A 22 -16.47 -2.37 -28.77
N HIS A 23 -15.48 -2.02 -27.97
CA HIS A 23 -14.11 -2.42 -28.24
C HIS A 23 -13.85 -3.79 -27.62
N TYR A 24 -13.07 -4.62 -28.31
CA TYR A 24 -12.68 -5.89 -27.71
C TYR A 24 -11.32 -6.30 -28.26
N VAL A 25 -10.68 -7.22 -27.54
CA VAL A 25 -9.43 -7.86 -27.97
C VAL A 25 -9.71 -9.35 -28.06
N LYS A 26 -9.29 -9.97 -29.16
CA LYS A 26 -9.69 -11.34 -29.46
C LYS A 26 -8.50 -12.12 -29.99
N GLY A 27 -8.44 -13.39 -29.62
CA GLY A 27 -7.40 -14.25 -30.14
C GLY A 27 -7.69 -15.70 -29.80
N GLY A 28 -6.92 -16.58 -30.44
CA GLY A 28 -7.05 -18.00 -30.15
C GLY A 28 -8.04 -18.71 -31.03
N GLN A 29 -8.22 -20.00 -30.73
CA GLN A 29 -9.09 -20.89 -31.49
C GLN A 29 -9.79 -21.85 -30.54
N GLY A 30 -10.96 -22.30 -30.94
CA GLY A 30 -11.73 -23.22 -30.12
C GLY A 30 -12.98 -22.58 -29.57
N PRO A 31 -13.62 -23.23 -28.59
CA PRO A 31 -14.82 -22.65 -27.97
C PRO A 31 -14.53 -21.27 -27.41
N LEU A 32 -15.56 -20.44 -27.36
CA LEU A 32 -15.41 -19.05 -26.94
C LEU A 32 -15.42 -18.90 -25.43
N VAL A 33 -14.49 -18.10 -24.91
CA VAL A 33 -14.50 -17.62 -23.53
CA VAL A 33 -14.53 -17.61 -23.54
C VAL A 33 -14.50 -16.10 -23.59
N MET A 34 -15.43 -15.47 -22.88
CA MET A 34 -15.49 -14.02 -22.77
C MET A 34 -15.03 -13.63 -21.38
N LEU A 35 -14.09 -12.68 -21.31
CA LEU A 35 -13.52 -12.19 -20.06
C LEU A 35 -13.98 -10.75 -19.87
N VAL A 36 -14.64 -10.45 -18.75
CA VAL A 36 -15.26 -9.14 -18.56
C VAL A 36 -14.65 -8.46 -17.33
N HIS A 37 -14.00 -7.31 -17.57
CA HIS A 37 -13.27 -6.56 -16.55
C HIS A 37 -14.24 -5.80 -15.66
N GLY A 38 -13.68 -5.11 -14.66
CA GLY A 38 -14.47 -4.33 -13.73
C GLY A 38 -13.98 -2.90 -13.56
N PHE A 39 -14.29 -2.32 -12.40
CA PHE A 39 -14.09 -0.90 -12.20
C PHE A 39 -12.62 -0.56 -12.07
N GLY A 40 -12.24 0.58 -12.64
CA GLY A 40 -10.90 1.09 -12.59
C GLY A 40 -10.00 0.49 -13.66
N GLN A 41 -10.51 -0.47 -14.41
CA GLN A 41 -9.69 -1.19 -15.37
C GLN A 41 -10.39 -1.33 -16.71
N THR A 42 -9.80 -2.13 -17.59
CA THR A 42 -10.26 -2.35 -18.95
C THR A 42 -9.99 -3.81 -19.28
N TRP A 43 -10.17 -4.17 -20.55
CA TRP A 43 -9.82 -5.51 -21.02
C TRP A 43 -8.41 -5.89 -20.58
N TYR A 44 -7.52 -4.90 -20.41
CA TYR A 44 -6.11 -5.16 -20.20
C TYR A 44 -5.83 -5.92 -18.91
N GLU A 45 -6.73 -5.90 -17.93
CA GLU A 45 -6.46 -6.68 -16.73
C GLU A 45 -6.30 -8.17 -17.05
N TRP A 46 -6.87 -8.63 -18.16
CA TRP A 46 -6.80 -10.03 -18.58
C TRP A 46 -5.59 -10.32 -19.44
N HIS A 47 -4.71 -9.35 -19.69
CA HIS A 47 -3.73 -9.57 -20.77
C HIS A 47 -2.71 -10.67 -20.46
N GLN A 48 -2.49 -11.01 -19.19
CA GLN A 48 -1.57 -12.11 -18.88
C GLN A 48 -2.25 -13.47 -18.95
N LEU A 49 -3.55 -13.52 -18.68
CA LEU A 49 -4.31 -14.75 -18.78
C LEU A 49 -4.63 -15.09 -20.23
N MET A 50 -4.85 -14.09 -21.07
CA MET A 50 -5.38 -14.33 -22.41
C MET A 50 -4.50 -15.22 -23.29
N PRO A 51 -3.16 -15.05 -23.35
CA PRO A 51 -2.37 -15.95 -24.21
C PRO A 51 -2.43 -17.39 -23.79
N GLU A 52 -2.47 -17.67 -22.48
CA GLU A 52 -2.57 -19.05 -22.01
C GLU A 52 -3.92 -19.66 -22.38
N LEU A 53 -5.01 -18.93 -22.17
CA LEU A 53 -6.33 -19.42 -22.56
C LEU A 53 -6.46 -19.60 -24.06
N ALA A 54 -5.83 -18.70 -24.83
CA ALA A 54 -5.95 -18.76 -26.28
C ALA A 54 -5.32 -20.01 -26.89
N LYS A 55 -4.54 -20.77 -26.12
CA LYS A 55 -4.03 -22.05 -26.63
C LYS A 55 -5.13 -23.09 -26.71
N ARG A 56 -6.24 -22.90 -25.99
CA ARG A 56 -7.34 -23.86 -25.96
C ARG A 56 -8.69 -23.27 -26.33
N PHE A 57 -8.85 -21.94 -26.32
CA PHE A 57 -10.13 -21.31 -26.55
C PHE A 57 -9.97 -20.13 -27.49
N THR A 58 -11.06 -19.75 -28.14
CA THR A 58 -11.18 -18.41 -28.68
C THR A 58 -11.50 -17.47 -27.52
N VAL A 59 -10.67 -16.45 -27.31
CA VAL A 59 -10.78 -15.57 -26.16
C VAL A 59 -11.18 -14.17 -26.65
N ILE A 60 -12.22 -13.60 -26.05
CA ILE A 60 -12.61 -12.22 -26.32
CA ILE A 60 -12.61 -12.22 -26.32
C ILE A 60 -12.68 -11.47 -25.00
N ALA A 61 -12.08 -10.28 -24.97
CA ALA A 61 -12.10 -9.45 -23.77
C ALA A 61 -12.62 -8.08 -24.18
N PRO A 62 -13.88 -7.79 -23.90
CA PRO A 62 -14.44 -6.49 -24.28
C PRO A 62 -14.20 -5.42 -23.23
N ASP A 63 -14.23 -4.17 -23.68
CA ASP A 63 -14.33 -3.04 -22.77
C ASP A 63 -15.81 -2.81 -22.44
N LEU A 64 -16.12 -2.66 -21.15
CA LEU A 64 -17.48 -2.36 -20.72
C LEU A 64 -17.96 -1.06 -21.37
N PRO A 65 -19.25 -0.95 -21.67
CA PRO A 65 -19.75 0.28 -22.28
C PRO A 65 -19.34 1.52 -21.50
N GLY A 66 -18.78 2.49 -22.22
CA GLY A 66 -18.30 3.73 -21.65
C GLY A 66 -16.87 3.67 -21.13
N LEU A 67 -16.34 2.49 -20.87
CA LEU A 67 -15.00 2.32 -20.33
C LEU A 67 -14.05 1.83 -21.43
N GLY A 68 -12.76 1.96 -21.16
CA GLY A 68 -11.77 1.65 -22.18
C GLY A 68 -12.12 2.37 -23.47
N GLN A 69 -12.18 1.62 -24.56
CA GLN A 69 -12.47 2.18 -25.88
C GLN A 69 -13.88 1.86 -26.37
N SER A 70 -14.79 1.48 -25.46
CA SER A 70 -16.20 1.23 -25.81
C SER A 70 -17.06 2.46 -25.60
N GLU A 71 -18.00 2.67 -26.52
CA GLU A 71 -18.94 3.76 -26.37
C GLU A 71 -19.87 3.53 -25.18
N PRO A 72 -20.37 4.61 -24.58
CA PRO A 72 -21.36 4.45 -23.52
C PRO A 72 -22.59 3.71 -24.01
N PRO A 73 -23.31 3.05 -23.09
CA PRO A 73 -24.56 2.40 -23.47
C PRO A 73 -25.61 3.43 -23.84
N LYS A 74 -26.50 3.04 -24.74
CA LYS A 74 -27.61 3.88 -25.15
C LYS A 74 -28.89 3.65 -24.34
N THR A 75 -29.03 2.49 -23.71
CA THR A 75 -30.21 2.22 -22.88
C THR A 75 -29.99 2.74 -21.46
N GLY A 76 -29.00 2.19 -20.76
CA GLY A 76 -28.73 2.58 -19.38
C GLY A 76 -27.62 1.72 -18.82
N TYR A 77 -27.33 1.94 -17.53
CA TYR A 77 -26.18 1.27 -16.92
C TYR A 77 -26.58 0.19 -15.91
N SER A 78 -27.85 -0.13 -15.79
CA SER A 78 -28.24 -1.24 -14.93
C SER A 78 -27.71 -2.56 -15.48
N GLY A 79 -27.60 -3.55 -14.59
CA GLY A 79 -26.98 -4.80 -15.01
C GLY A 79 -27.75 -5.47 -16.14
N GLU A 80 -29.09 -5.39 -16.09
CA GLU A 80 -29.89 -6.04 -17.11
C GLU A 80 -29.73 -5.35 -18.46
N GLN A 81 -29.58 -4.02 -18.45
CA GLN A 81 -29.40 -3.29 -19.70
C GLN A 81 -28.04 -3.58 -20.32
N VAL A 82 -26.98 -3.51 -19.50
CA VAL A 82 -25.64 -3.67 -20.05
C VAL A 82 -25.42 -5.11 -20.48
N ALA A 83 -26.01 -6.06 -19.76
CA ALA A 83 -25.84 -7.46 -20.09
C ALA A 83 -26.32 -7.78 -21.50
N VAL A 84 -27.33 -7.05 -22.00
CA VAL A 84 -27.79 -7.27 -23.36
C VAL A 84 -26.65 -7.06 -24.34
N TYR A 85 -25.90 -5.96 -24.17
CA TYR A 85 -24.77 -5.69 -25.06
C TYR A 85 -23.76 -6.84 -25.03
N LEU A 86 -23.39 -7.29 -23.83
CA LEU A 86 -22.36 -8.30 -23.71
C LEU A 86 -22.83 -9.65 -24.24
N HIS A 87 -24.09 -10.01 -23.98
CA HIS A 87 -24.63 -11.27 -24.51
C HIS A 87 -24.65 -11.26 -26.03
N LYS A 88 -25.15 -10.17 -26.62
CA LYS A 88 -25.23 -10.12 -28.08
C LYS A 88 -23.83 -10.15 -28.70
N LEU A 89 -22.86 -9.47 -28.07
CA LEU A 89 -21.48 -9.51 -28.56
C LEU A 89 -20.94 -10.93 -28.57
N ALA A 90 -21.06 -11.62 -27.43
CA ALA A 90 -20.57 -12.99 -27.35
C ALA A 90 -21.24 -13.88 -28.38
N ARG A 91 -22.55 -13.73 -28.56
CA ARG A 91 -23.25 -14.59 -29.50
C ARG A 91 -22.93 -14.26 -30.95
N GLN A 92 -22.40 -13.06 -31.25
CA GLN A 92 -21.92 -12.83 -32.61
C GLN A 92 -20.80 -13.80 -32.96
N PHE A 93 -19.95 -14.13 -31.98
CA PHE A 93 -18.81 -15.01 -32.22
C PHE A 93 -19.07 -16.46 -31.83
N SER A 94 -20.16 -16.74 -31.11
CA SER A 94 -20.54 -18.10 -30.77
C SER A 94 -22.05 -18.26 -30.95
N PRO A 95 -22.53 -18.21 -32.20
CA PRO A 95 -23.99 -18.22 -32.42
C PRO A 95 -24.64 -19.58 -32.21
N ASP A 96 -23.91 -20.69 -32.37
CA ASP A 96 -24.51 -22.02 -32.31
C ASP A 96 -24.00 -22.88 -31.16
N ARG A 97 -23.18 -22.34 -30.28
CA ARG A 97 -22.61 -23.12 -29.19
C ARG A 97 -22.55 -22.27 -27.94
N PRO A 98 -22.69 -22.88 -26.76
CA PRO A 98 -22.49 -22.16 -25.51
C PRO A 98 -21.07 -21.64 -25.41
N PHE A 99 -20.90 -20.57 -24.64
CA PHE A 99 -19.59 -20.00 -24.38
C PHE A 99 -19.32 -19.95 -22.89
N ASP A 100 -18.06 -19.75 -22.53
CA ASP A 100 -17.65 -19.60 -21.13
C ASP A 100 -17.58 -18.12 -20.77
N LEU A 101 -17.74 -17.83 -19.48
CA LEU A 101 -17.73 -16.46 -19.01
C LEU A 101 -16.85 -16.33 -17.77
N VAL A 102 -15.97 -15.33 -17.78
CA VAL A 102 -15.15 -14.98 -16.61
C VAL A 102 -15.38 -13.50 -16.35
N ALA A 103 -15.74 -13.14 -15.12
CA ALA A 103 -16.04 -11.74 -14.85
C ALA A 103 -15.44 -11.33 -13.50
N HIS A 104 -15.01 -10.08 -13.42
CA HIS A 104 -14.35 -9.52 -12.24
C HIS A 104 -15.05 -8.22 -11.86
N SER A 105 -15.31 -8.02 -10.57
CA SER A 105 -15.76 -6.68 -10.12
C SER A 105 -17.11 -6.38 -10.79
N ILE A 106 -17.33 -5.16 -11.30
CA ILE A 106 -18.65 -4.85 -11.87
C ILE A 106 -18.92 -5.58 -13.18
N GLY A 107 -17.93 -6.28 -13.73
CA GLY A 107 -18.21 -7.25 -14.77
C GLY A 107 -19.23 -8.29 -14.34
N ILE A 108 -19.26 -8.62 -13.05
CA ILE A 108 -20.29 -9.51 -12.52
C ILE A 108 -21.66 -8.87 -12.63
N TRP A 109 -21.78 -7.61 -12.19
CA TRP A 109 -23.05 -6.92 -12.25
C TRP A 109 -23.58 -6.89 -13.67
N ASN A 110 -22.70 -6.73 -14.63
CA ASN A 110 -23.06 -6.52 -16.02
C ASN A 110 -23.20 -7.81 -16.81
N THR A 111 -23.06 -8.96 -16.17
CA THR A 111 -23.23 -10.24 -16.86
C THR A 111 -24.26 -11.13 -16.18
N TYR A 112 -24.42 -11.00 -14.86
CA TYR A 112 -25.36 -11.90 -14.18
C TYR A 112 -26.73 -11.96 -14.85
N PRO A 113 -27.37 -10.85 -15.22
CA PRO A 113 -28.70 -10.97 -15.83
C PRO A 113 -28.70 -11.77 -17.12
N MET A 114 -27.67 -11.65 -17.98
CA MET A 114 -27.73 -12.44 -19.20
C MET A 114 -27.39 -13.91 -18.95
N VAL A 115 -26.65 -14.22 -17.89
CA VAL A 115 -26.41 -15.62 -17.54
C VAL A 115 -27.70 -16.29 -17.12
N VAL A 116 -28.46 -15.64 -16.24
CA VAL A 116 -29.64 -16.29 -15.67
C VAL A 116 -30.77 -16.33 -16.69
N LYS A 117 -30.81 -15.37 -17.63
CA LYS A 117 -31.85 -15.36 -18.65
C LYS A 117 -31.52 -16.20 -19.88
N ASN A 118 -30.27 -16.61 -20.05
CA ASN A 118 -29.83 -17.41 -21.20
C ASN A 118 -28.93 -18.54 -20.73
N GLN A 119 -29.42 -19.35 -19.79
CA GLN A 119 -28.56 -20.33 -19.15
C GLN A 119 -27.98 -21.33 -20.14
N ALA A 120 -28.73 -21.71 -21.18
CA ALA A 120 -28.21 -22.65 -22.14
C ALA A 120 -27.06 -22.06 -22.97
N ASP A 121 -26.88 -20.74 -22.96
CA ASP A 121 -25.78 -20.14 -23.70
C ASP A 121 -24.47 -20.12 -22.92
N ILE A 122 -24.51 -20.41 -21.62
CA ILE A 122 -23.34 -20.30 -20.73
C ILE A 122 -22.91 -21.71 -20.34
N ALA A 123 -21.76 -22.15 -20.86
CA ALA A 123 -21.28 -23.49 -20.54
C ALA A 123 -20.72 -23.54 -19.12
N ARG A 124 -19.80 -22.64 -18.79
CA ARG A 124 -19.14 -22.59 -17.50
C ARG A 124 -18.88 -21.13 -17.14
N LEU A 125 -18.90 -20.83 -15.84
CA LEU A 125 -18.92 -19.48 -15.31
C LEU A 125 -17.88 -19.33 -14.21
N VAL A 126 -17.10 -18.26 -14.26
CA VAL A 126 -16.15 -17.91 -13.20
C VAL A 126 -16.42 -16.47 -12.79
N TYR A 127 -16.77 -16.26 -11.53
CA TYR A 127 -16.99 -14.92 -10.98
C TYR A 127 -15.95 -14.64 -9.90
N MET A 128 -15.40 -13.44 -9.90
CA MET A 128 -14.40 -13.10 -8.88
C MET A 128 -14.57 -11.68 -8.38
N GLU A 129 -14.47 -11.52 -7.06
CA GLU A 129 -14.19 -10.24 -6.42
C GLU A 129 -15.24 -9.16 -6.73
N ALA A 130 -16.48 -9.47 -6.38
CA ALA A 130 -17.55 -8.49 -6.26
C ALA A 130 -18.83 -9.17 -5.84
N PRO A 131 -19.67 -8.51 -5.06
CA PRO A 131 -21.01 -9.04 -4.80
C PRO A 131 -21.89 -8.97 -6.04
N ILE A 132 -22.67 -10.02 -6.24
CA ILE A 132 -23.82 -9.85 -7.15
C ILE A 132 -24.75 -8.82 -6.55
N PRO A 133 -25.30 -7.89 -7.31
CA PRO A 133 -26.17 -6.88 -6.69
C PRO A 133 -27.43 -7.50 -6.09
N ASP A 134 -27.54 -7.46 -4.77
CA ASP A 134 -28.74 -7.88 -4.05
C ASP A 134 -28.75 -7.20 -2.69
N ALA A 135 -29.72 -7.57 -1.83
CA ALA A 135 -29.87 -6.93 -0.53
C ALA A 135 -28.64 -7.09 0.36
N ARG A 136 -27.78 -8.08 0.09
CA ARG A 136 -26.59 -8.24 0.93
C ARG A 136 -25.70 -7.01 0.89
N ILE A 137 -25.72 -6.25 -0.22
CA ILE A 137 -24.82 -5.11 -0.29
C ILE A 137 -25.19 -4.04 0.71
N TYR A 138 -26.43 -4.03 1.20
CA TYR A 138 -26.85 -3.05 2.20
C TYR A 138 -26.33 -3.40 3.59
N ARG A 139 -25.66 -4.54 3.75
CA ARG A 139 -25.14 -4.94 5.06
C ARG A 139 -23.65 -4.66 5.22
N PHE A 140 -22.97 -4.26 4.16
CA PHE A 140 -21.55 -3.93 4.28
C PHE A 140 -21.39 -2.65 5.10
N PRO A 141 -20.34 -2.56 5.93
CA PRO A 141 -20.20 -1.40 6.81
C PRO A 141 -19.58 -0.19 6.13
N ALA A 142 -20.00 0.99 6.60
CA ALA A 142 -19.44 2.25 6.12
C ALA A 142 -18.02 2.48 6.62
N PHE A 143 -17.63 1.83 7.72
CA PHE A 143 -16.39 2.13 8.41
C PHE A 143 -16.04 0.90 9.22
N THR A 144 -14.74 0.62 9.38
CA THR A 144 -14.31 -0.56 10.11
C THR A 144 -13.27 -0.16 11.16
N ALA A 145 -13.03 -1.09 12.10
CA ALA A 145 -12.06 -0.86 13.17
C ALA A 145 -10.64 -0.72 12.62
N GLN A 146 -10.42 -1.01 11.34
CA GLN A 146 -9.12 -0.81 10.72
C GLN A 146 -9.04 0.45 9.86
N GLY A 147 -10.17 1.09 9.56
CA GLY A 147 -10.17 2.25 8.70
C GLY A 147 -11.21 2.14 7.60
N GLU A 148 -10.92 2.62 6.40
CA GLU A 148 -11.94 2.65 5.36
C GLU A 148 -12.40 1.25 5.00
N SER A 149 -13.68 1.13 4.69
CA SER A 149 -14.32 -0.16 4.46
C SER A 149 -14.21 -0.56 2.99
N LEU A 150 -14.67 -1.78 2.69
CA LEU A 150 -14.51 -2.29 1.33
C LEU A 150 -15.37 -1.52 0.32
N VAL A 151 -16.59 -1.14 0.67
CA VAL A 151 -17.46 -0.63 -0.39
C VAL A 151 -18.09 0.72 -0.05
N TRP A 152 -17.42 1.54 0.75
CA TRP A 152 -17.93 2.89 0.98
C TRP A 152 -17.99 3.67 -0.32
N HIS A 153 -17.16 3.31 -1.32
CA HIS A 153 -17.22 3.99 -2.59
C HIS A 153 -18.55 3.80 -3.30
N PHE A 154 -19.34 2.77 -2.95
CA PHE A 154 -20.68 2.65 -3.49
C PHE A 154 -21.45 3.94 -3.29
N SER A 155 -21.43 4.49 -2.07
CA SER A 155 -22.15 5.73 -1.77
C SER A 155 -21.50 6.92 -2.47
N PHE A 156 -20.16 7.02 -2.37
CA PHE A 156 -19.44 8.10 -3.03
C PHE A 156 -19.79 8.20 -4.51
N PHE A 157 -19.70 7.06 -5.20
CA PHE A 157 -19.92 7.05 -6.65
C PHE A 157 -21.38 7.22 -7.00
N ALA A 158 -22.30 6.75 -6.14
CA ALA A 158 -23.72 6.90 -6.42
C ALA A 158 -24.26 8.28 -6.07
N ALA A 159 -23.49 9.11 -5.37
CA ALA A 159 -24.00 10.39 -4.89
C ALA A 159 -24.43 11.29 -6.05
N ASP A 160 -25.44 12.11 -5.78
CA ASP A 160 -25.95 12.97 -6.84
CA ASP A 160 -26.01 13.04 -6.75
C ASP A 160 -25.04 14.20 -6.99
N ASP A 161 -25.46 15.13 -7.85
CA ASP A 161 -24.73 16.36 -8.16
C ASP A 161 -23.38 16.07 -8.81
N ARG A 162 -23.20 14.88 -9.38
CA ARG A 162 -21.91 14.48 -9.97
C ARG A 162 -20.79 14.70 -8.96
N LEU A 163 -21.06 14.38 -7.69
CA LEU A 163 -20.07 14.58 -6.65
C LEU A 163 -18.73 13.93 -7.02
N ALA A 164 -18.75 12.65 -7.40
CA ALA A 164 -17.51 11.94 -7.66
C ALA A 164 -16.74 12.51 -8.85
N GLU A 165 -17.41 12.73 -9.99
CA GLU A 165 -16.71 13.31 -11.14
C GLU A 165 -16.16 14.70 -10.82
N THR A 166 -16.93 15.48 -10.07
CA THR A 166 -16.51 16.85 -9.81
C THR A 166 -15.25 16.87 -8.95
N LEU A 167 -15.16 15.98 -7.97
CA LEU A 167 -13.98 15.93 -7.11
C LEU A 167 -12.81 15.24 -7.79
N ILE A 168 -13.07 14.24 -8.62
CA ILE A 168 -11.97 13.42 -9.14
C ILE A 168 -11.42 13.94 -10.48
N ALA A 169 -12.21 14.68 -11.26
CA ALA A 169 -11.72 15.21 -12.53
C ALA A 169 -10.45 16.02 -12.33
N GLY A 170 -9.45 15.77 -13.17
CA GLY A 170 -8.15 16.38 -13.02
C GLY A 170 -7.26 15.72 -11.99
N LYS A 171 -7.82 14.85 -11.14
CA LYS A 171 -7.06 14.10 -10.14
C LYS A 171 -7.23 12.60 -10.32
N GLU A 172 -7.54 12.17 -11.55
CA GLU A 172 -7.87 10.77 -11.80
C GLU A 172 -6.70 9.84 -11.48
N ARG A 173 -5.48 10.26 -11.82
CA ARG A 173 -4.32 9.41 -11.59
C ARG A 173 -4.04 9.24 -10.10
N PHE A 174 -4.15 10.33 -9.34
CA PHE A 174 -4.01 10.24 -7.89
C PHE A 174 -5.09 9.35 -7.29
N PHE A 175 -6.35 9.55 -7.71
CA PHE A 175 -7.42 8.80 -7.08
C PHE A 175 -7.31 7.31 -7.39
N LEU A 176 -6.98 6.96 -8.64
CA LEU A 176 -6.98 5.55 -8.98
C LEU A 176 -5.86 4.80 -8.27
N GLU A 177 -4.69 5.43 -8.11
CA GLU A 177 -3.63 4.79 -7.33
C GLU A 177 -4.10 4.52 -5.91
N HIS A 178 -4.75 5.51 -5.29
CA HIS A 178 -5.23 5.27 -3.93
C HIS A 178 -6.28 4.18 -3.90
N PHE A 179 -7.27 4.25 -4.81
CA PHE A 179 -8.34 3.26 -4.83
C PHE A 179 -7.79 1.85 -5.04
N ILE A 180 -6.91 1.69 -6.03
CA ILE A 180 -6.39 0.35 -6.32
C ILE A 180 -5.55 -0.16 -5.15
N LYS A 181 -4.61 0.64 -4.68
CA LYS A 181 -3.72 0.14 -3.63
C LYS A 181 -4.46 -0.11 -2.33
N SER A 182 -5.46 0.73 -1.99
CA SER A 182 -6.19 0.50 -0.75
C SER A 182 -7.02 -0.78 -0.80
N HIS A 183 -7.26 -1.32 -2.00
CA HIS A 183 -8.01 -2.56 -2.18
C HIS A 183 -7.09 -3.73 -2.52
N ALA A 184 -5.79 -3.59 -2.30
CA ALA A 184 -4.81 -4.59 -2.68
C ALA A 184 -4.04 -5.09 -1.46
N SER A 185 -3.59 -6.33 -1.57
CA SER A 185 -2.61 -6.93 -0.66
CA SER A 185 -2.61 -6.89 -0.64
C SER A 185 -1.20 -6.82 -1.21
N ASN A 186 -1.02 -7.29 -2.44
CA ASN A 186 0.25 -7.18 -3.15
CA ASN A 186 0.25 -7.19 -3.16
C ASN A 186 0.24 -5.89 -3.97
N THR A 187 0.48 -4.77 -3.26
CA THR A 187 0.39 -3.47 -3.92
C THR A 187 1.53 -3.23 -4.90
N GLU A 188 2.65 -3.96 -4.76
CA GLU A 188 3.86 -3.70 -5.55
CA GLU A 188 3.86 -3.70 -5.55
C GLU A 188 3.64 -3.94 -7.04
N VAL A 189 2.63 -4.71 -7.42
CA VAL A 189 2.43 -4.98 -8.84
C VAL A 189 1.88 -3.76 -9.55
N PHE A 190 1.35 -2.78 -8.83
CA PHE A 190 0.82 -1.58 -9.46
C PHE A 190 1.91 -0.52 -9.54
N SER A 191 2.82 -0.74 -10.49
CA SER A 191 3.86 0.21 -10.83
C SER A 191 3.24 1.52 -11.31
N GLU A 192 4.03 2.60 -11.19
CA GLU A 192 3.58 3.88 -11.72
C GLU A 192 3.25 3.79 -13.20
N ARG A 193 4.01 2.98 -13.95
CA ARG A 193 3.76 2.83 -15.39
C ARG A 193 2.40 2.20 -15.65
N LEU A 194 2.06 1.13 -14.91
CA LEU A 194 0.76 0.48 -15.09
C LEU A 194 -0.37 1.39 -14.64
N LEU A 195 -0.19 2.09 -13.52
CA LEU A 195 -1.23 3.02 -13.06
C LEU A 195 -1.43 4.14 -14.08
N ASP A 196 -0.36 4.61 -14.71
CA ASP A 196 -0.50 5.63 -15.74
C ASP A 196 -1.44 5.14 -16.86
N LEU A 197 -1.23 3.91 -17.31
CA LEU A 197 -2.06 3.37 -18.40
C LEU A 197 -3.54 3.32 -18.02
N TYR A 198 -3.84 2.77 -16.85
CA TYR A 198 -5.22 2.70 -16.42
C TYR A 198 -5.81 4.08 -16.19
N ALA A 199 -5.06 5.00 -15.60
CA ALA A 199 -5.61 6.31 -15.29
C ALA A 199 -5.90 7.09 -16.55
N ARG A 200 -5.04 6.99 -17.57
CA ARG A 200 -5.30 7.73 -18.79
C ARG A 200 -6.60 7.29 -19.44
N SER A 201 -6.94 6.00 -19.31
CA SER A 201 -8.17 5.51 -19.92
C SER A 201 -9.40 6.03 -19.20
N TYR A 202 -9.44 5.89 -17.89
CA TYR A 202 -10.67 6.29 -17.23
C TYR A 202 -10.74 7.80 -16.99
N ALA A 203 -9.69 8.55 -17.36
CA ALA A 203 -9.76 10.00 -17.30
C ALA A 203 -10.48 10.62 -18.48
N LYS A 204 -10.71 9.88 -19.56
CA LYS A 204 -11.60 10.38 -20.60
C LYS A 204 -12.92 10.78 -19.94
N PRO A 205 -13.40 12.01 -20.14
CA PRO A 205 -14.56 12.47 -19.36
C PRO A 205 -15.75 11.54 -19.46
N HIS A 206 -16.06 10.99 -20.64
CA HIS A 206 -17.18 10.06 -20.73
C HIS A 206 -16.90 8.75 -20.00
N SER A 207 -15.62 8.38 -19.83
CA SER A 207 -15.29 7.14 -19.11
C SER A 207 -15.33 7.35 -17.60
N LEU A 208 -14.88 8.52 -17.14
CA LEU A 208 -15.03 8.85 -15.73
C LEU A 208 -16.50 8.86 -15.33
N ASN A 209 -17.35 9.48 -16.16
CA ASN A 209 -18.78 9.50 -15.85
C ASN A 209 -19.39 8.12 -15.96
N ALA A 210 -19.06 7.37 -17.02
CA ALA A 210 -19.59 6.02 -17.16
C ALA A 210 -19.25 5.17 -15.94
N SER A 211 -18.02 5.29 -15.44
CA SER A 211 -17.59 4.51 -14.27
C SER A 211 -18.58 4.65 -13.13
N PHE A 212 -19.01 5.88 -12.86
CA PHE A 212 -19.89 6.11 -11.72
C PHE A 212 -21.35 5.82 -12.04
N GLU A 213 -21.76 5.89 -13.31
CA GLU A 213 -23.13 5.58 -13.66
C GLU A 213 -23.45 4.12 -13.34
N TYR A 214 -22.46 3.22 -13.40
CA TYR A 214 -22.69 1.84 -12.98
C TYR A 214 -23.14 1.78 -11.52
N TYR A 215 -22.55 2.63 -10.67
CA TYR A 215 -22.93 2.64 -9.26
C TYR A 215 -24.23 3.39 -9.04
N ARG A 216 -24.51 4.41 -9.85
CA ARG A 216 -25.79 5.10 -9.80
C ARG A 216 -26.95 4.20 -10.24
N ALA A 217 -26.67 3.13 -10.96
CA ALA A 217 -27.69 2.17 -11.35
C ALA A 217 -27.73 0.94 -10.42
N LEU A 218 -26.91 0.94 -9.36
CA LEU A 218 -26.76 -0.27 -8.56
C LEU A 218 -28.07 -0.66 -7.88
N ASN A 219 -28.79 0.30 -7.32
CA ASN A 219 -30.05 -0.06 -6.68
C ASN A 219 -31.06 -0.59 -7.69
N GLU A 220 -31.05 -0.04 -8.91
CA GLU A 220 -31.88 -0.61 -9.96
C GLU A 220 -31.49 -2.06 -10.25
N SER A 221 -30.18 -2.33 -10.30
CA SER A 221 -29.72 -3.69 -10.54
C SER A 221 -30.15 -4.63 -9.42
N VAL A 222 -30.04 -4.18 -8.16
CA VAL A 222 -30.56 -4.95 -7.04
C VAL A 222 -32.01 -5.32 -7.27
N ARG A 223 -32.84 -4.33 -7.66
CA ARG A 223 -34.27 -4.60 -7.86
C ARG A 223 -34.49 -5.56 -9.00
N GLN A 224 -33.70 -5.45 -10.07
CA GLN A 224 -33.81 -6.40 -11.19
C GLN A 224 -33.47 -7.81 -10.74
N ASN A 225 -32.38 -7.96 -9.98
CA ASN A 225 -31.90 -9.28 -9.62
C ASN A 225 -32.82 -9.96 -8.62
N ALA A 226 -33.58 -9.19 -7.84
CA ALA A 226 -34.55 -9.80 -6.92
C ALA A 226 -35.55 -10.67 -7.67
N GLU A 227 -35.90 -10.28 -8.89
CA GLU A 227 -36.80 -11.08 -9.72
C GLU A 227 -36.05 -12.21 -10.41
N LEU A 228 -34.90 -11.90 -11.00
CA LEU A 228 -34.16 -12.88 -11.79
C LEU A 228 -33.68 -14.04 -10.91
N ALA A 229 -33.31 -13.76 -9.66
CA ALA A 229 -32.70 -14.80 -8.83
C ALA A 229 -33.70 -15.83 -8.35
N LYS A 230 -34.97 -15.74 -8.75
CA LYS A 230 -35.91 -16.82 -8.44
C LYS A 230 -35.58 -18.10 -9.19
N THR A 231 -34.67 -18.04 -10.17
CA THR A 231 -34.16 -19.22 -10.85
C THR A 231 -32.66 -19.33 -10.56
N ARG A 232 -32.24 -20.46 -9.99
CA ARG A 232 -30.83 -20.67 -9.70
C ARG A 232 -30.06 -20.99 -10.97
N LEU A 233 -28.77 -20.67 -10.95
CA LEU A 233 -27.88 -21.04 -12.04
C LEU A 233 -27.58 -22.54 -12.00
N GLN A 234 -27.62 -23.17 -13.17
CA GLN A 234 -27.46 -24.62 -13.28
C GLN A 234 -26.11 -25.06 -13.83
N MET A 235 -25.33 -24.16 -14.42
CA MET A 235 -24.09 -24.57 -15.05
C MET A 235 -22.95 -24.59 -14.04
N PRO A 236 -21.85 -25.30 -14.34
CA PRO A 236 -20.72 -25.32 -13.40
C PRO A 236 -20.15 -23.92 -13.22
N THR A 237 -19.99 -23.52 -11.96
CA THR A 237 -19.48 -22.20 -11.63
CA THR A 237 -19.52 -22.19 -11.58
C THR A 237 -18.35 -22.32 -10.61
N MET A 238 -17.42 -21.36 -10.70
CA MET A 238 -16.32 -21.23 -9.75
C MET A 238 -16.26 -19.77 -9.32
N THR A 239 -16.05 -19.55 -8.02
CA THR A 239 -15.80 -18.20 -7.52
C THR A 239 -14.38 -18.10 -7.01
N LEU A 240 -13.76 -16.95 -7.24
CA LEU A 240 -12.47 -16.62 -6.66
C LEU A 240 -12.60 -15.34 -5.85
N ALA A 241 -11.83 -15.28 -4.76
CA ALA A 241 -11.81 -14.09 -3.92
C ALA A 241 -10.44 -13.96 -3.30
N GLY A 242 -10.02 -12.72 -3.06
CA GLY A 242 -8.79 -12.50 -2.32
C GLY A 242 -9.00 -12.70 -0.83
N GLY A 243 -8.02 -13.34 -0.19
CA GLY A 243 -8.02 -13.50 1.26
C GLY A 243 -7.26 -12.45 2.01
N GLY A 244 -6.54 -11.59 1.29
CA GLY A 244 -5.74 -10.55 1.89
C GLY A 244 -6.47 -9.22 1.95
N HIS A 245 -5.71 -8.18 2.34
CA HIS A 245 -6.27 -6.84 2.42
C HIS A 245 -6.99 -6.46 1.14
N GLY A 246 -8.23 -5.98 1.28
CA GLY A 246 -8.99 -5.53 0.14
C GLY A 246 -9.82 -6.60 -0.55
N GLY A 247 -9.72 -7.88 -0.12
CA GLY A 247 -10.42 -8.94 -0.77
C GLY A 247 -11.79 -9.23 -0.15
N MET A 248 -12.64 -9.92 -0.94
CA MET A 248 -13.98 -10.26 -0.48
C MET A 248 -14.00 -11.46 0.47
N GLY A 249 -12.93 -12.26 0.49
CA GLY A 249 -12.85 -13.34 1.46
C GLY A 249 -13.95 -14.37 1.23
N THR A 250 -14.49 -14.90 2.33
CA THR A 250 -15.50 -15.96 2.20
C THR A 250 -16.84 -15.47 1.66
N PHE A 251 -17.07 -14.15 1.58
CA PHE A 251 -18.38 -13.66 1.12
C PHE A 251 -18.67 -14.15 -0.30
N GLN A 252 -17.65 -14.18 -1.16
CA GLN A 252 -17.87 -14.46 -2.58
C GLN A 252 -18.57 -15.82 -2.76
N LEU A 253 -18.01 -16.86 -2.14
CA LEU A 253 -18.60 -18.19 -2.29
C LEU A 253 -19.92 -18.28 -1.53
N GLU A 254 -19.99 -17.70 -0.34
CA GLU A 254 -21.21 -17.82 0.46
C GLU A 254 -22.41 -17.18 -0.24
N GLN A 255 -22.21 -16.00 -0.86
CA GLN A 255 -23.30 -15.44 -1.66
C GLN A 255 -23.59 -16.30 -2.87
N MET A 256 -22.56 -16.78 -3.57
CA MET A 256 -22.81 -17.53 -4.79
C MET A 256 -23.61 -18.81 -4.53
N LYS A 257 -23.47 -19.40 -3.34
CA LYS A 257 -24.22 -20.62 -3.05
C LYS A 257 -25.73 -20.38 -3.10
N ALA A 258 -26.17 -19.16 -2.80
CA ALA A 258 -27.58 -18.83 -2.94
C ALA A 258 -28.00 -18.73 -4.40
N TYR A 259 -27.05 -18.58 -5.33
CA TYR A 259 -27.35 -18.35 -6.73
C TYR A 259 -27.11 -19.56 -7.63
N ALA A 260 -26.27 -20.50 -7.22
CA ALA A 260 -25.80 -21.54 -8.13
C ALA A 260 -25.90 -22.90 -7.47
N GLU A 261 -26.39 -23.89 -8.23
CA GLU A 261 -26.49 -25.25 -7.73
C GLU A 261 -25.12 -25.95 -7.68
N ASP A 262 -24.22 -25.58 -8.57
CA ASP A 262 -22.95 -26.27 -8.78
C ASP A 262 -21.84 -25.22 -8.67
N VAL A 263 -21.28 -25.04 -7.48
CA VAL A 263 -20.29 -23.99 -7.29
C VAL A 263 -19.14 -24.50 -6.42
N GLU A 264 -17.93 -24.18 -6.82
CA GLU A 264 -16.75 -24.36 -5.98
C GLU A 264 -16.09 -23.00 -5.84
N GLY A 265 -15.53 -22.74 -4.66
CA GLY A 265 -14.95 -21.44 -4.38
C GLY A 265 -13.55 -21.55 -3.82
N HIS A 266 -12.75 -20.55 -4.13
CA HIS A 266 -11.40 -20.45 -3.61
C HIS A 266 -11.18 -19.06 -3.05
N VAL A 267 -10.48 -19.01 -1.93
CA VAL A 267 -9.98 -17.76 -1.36
C VAL A 267 -8.47 -17.79 -1.46
N LEU A 268 -7.88 -16.81 -2.13
CA LEU A 268 -6.46 -16.83 -2.43
C LEU A 268 -5.70 -16.05 -1.37
N PRO A 269 -4.83 -16.68 -0.59
CA PRO A 269 -4.15 -15.96 0.49
C PRO A 269 -3.17 -14.95 -0.05
N GLY A 270 -3.04 -13.83 0.67
CA GLY A 270 -2.06 -12.84 0.28
C GLY A 270 -2.42 -12.04 -0.94
N CYS A 271 -3.69 -12.10 -1.34
CA CYS A 271 -4.21 -11.45 -2.53
C CYS A 271 -5.42 -10.62 -2.16
N GLY A 272 -5.50 -9.40 -2.72
CA GLY A 272 -6.63 -8.53 -2.45
C GLY A 272 -7.69 -8.56 -3.53
N HIS A 273 -8.15 -7.39 -3.95
CA HIS A 273 -9.25 -7.32 -4.91
C HIS A 273 -8.79 -7.62 -6.33
N TRP A 274 -7.53 -7.34 -6.66
CA TRP A 274 -7.10 -7.30 -8.06
C TRP A 274 -6.38 -8.59 -8.43
N LEU A 275 -7.15 -9.69 -8.43
CA LEU A 275 -6.53 -11.01 -8.56
C LEU A 275 -5.68 -11.21 -9.82
N PRO A 276 -6.11 -10.79 -11.02
CA PRO A 276 -5.27 -11.06 -12.21
C PRO A 276 -3.87 -10.46 -12.11
N GLU A 277 -3.71 -9.34 -11.41
CA GLU A 277 -2.42 -8.69 -11.28
C GLU A 277 -1.69 -9.04 -9.99
N GLU A 278 -2.41 -9.12 -8.86
CA GLU A 278 -1.74 -9.41 -7.60
C GLU A 278 -1.34 -10.87 -7.48
N CYS A 279 -2.10 -11.78 -8.09
CA CYS A 279 -1.88 -13.19 -7.90
C CYS A 279 -2.09 -13.92 -9.24
N ALA A 280 -1.35 -13.45 -10.25
CA ALA A 280 -1.51 -13.96 -11.61
C ALA A 280 -1.28 -15.47 -11.70
N ALA A 281 -0.21 -15.98 -11.07
CA ALA A 281 0.07 -17.40 -11.25
C ALA A 281 -1.04 -18.29 -10.67
N PRO A 282 -1.44 -18.15 -9.40
CA PRO A 282 -2.51 -19.04 -8.92
C PRO A 282 -3.85 -18.77 -9.57
N MET A 283 -4.20 -17.50 -9.81
CA MET A 283 -5.50 -17.19 -10.42
C MET A 283 -5.58 -17.74 -11.84
N ASN A 284 -4.55 -17.52 -12.64
CA ASN A 284 -4.57 -18.03 -14.01
C ASN A 284 -4.71 -19.54 -14.03
N ARG A 285 -3.99 -20.23 -13.13
CA ARG A 285 -4.04 -21.68 -13.09
C ARG A 285 -5.44 -22.15 -12.74
N LEU A 286 -6.05 -21.53 -11.73
CA LEU A 286 -7.39 -21.94 -11.33
C LEU A 286 -8.39 -21.76 -12.46
N VAL A 287 -8.29 -20.65 -13.18
CA VAL A 287 -9.25 -20.37 -14.27
C VAL A 287 -9.03 -21.32 -15.43
N ILE A 288 -7.78 -21.46 -15.89
CA ILE A 288 -7.49 -22.36 -17.01
C ILE A 288 -7.95 -23.78 -16.68
N ASP A 289 -7.59 -24.27 -15.49
CA ASP A 289 -7.98 -25.63 -15.11
C ASP A 289 -9.50 -25.78 -15.08
N PHE A 290 -10.21 -24.81 -14.51
CA PHE A 290 -11.65 -24.94 -14.40
C PHE A 290 -12.32 -24.95 -15.76
N LEU A 291 -11.92 -24.04 -16.66
CA LEU A 291 -12.52 -24.00 -17.99
C LEU A 291 -12.13 -25.21 -18.82
N SER A 292 -10.96 -25.77 -18.57
CA SER A 292 -10.48 -26.91 -19.35
C SER A 292 -11.13 -28.22 -18.96
N ARG A 293 -11.98 -28.24 -17.91
CA ARG A 293 -12.79 -29.42 -17.65
C ARG A 293 -13.81 -29.65 -18.76
N GLY A 294 -14.30 -28.57 -19.38
CA GLY A 294 -15.12 -28.69 -20.57
C GLY A 294 -14.29 -28.89 -21.83
N ARG A 295 -14.98 -29.15 -22.93
CA ARG A 295 -14.29 -29.42 -24.18
C ARG A 295 -13.60 -28.16 -24.69
N HIS A 296 -12.38 -28.34 -25.21
CA HIS A 296 -11.57 -27.21 -25.66
C HIS A 296 -10.69 -27.66 -26.82
N HIS A 297 -10.00 -26.70 -27.41
CA HIS A 297 -9.12 -26.95 -28.55
C HIS A 297 -7.82 -27.64 -28.12
N ALA B 1 -9.18 39.89 11.40
CA ALA B 1 -10.47 39.88 10.73
C ALA B 1 -11.27 38.64 11.11
N GLU B 2 -12.46 38.86 11.67
CA GLU B 2 -13.31 37.77 12.09
C GLU B 2 -13.80 36.98 10.89
N GLU B 3 -13.80 35.66 11.02
CA GLU B 3 -14.38 34.82 9.98
C GLU B 3 -15.91 34.91 9.96
N PHE B 4 -16.52 35.19 11.11
CA PHE B 4 -17.97 35.24 11.23
C PHE B 4 -18.34 36.43 12.11
N PRO B 5 -19.50 37.04 11.88
CA PRO B 5 -19.88 38.23 12.66
C PRO B 5 -20.26 37.88 14.09
N VAL B 6 -19.74 38.66 15.04
CA VAL B 6 -19.95 38.42 16.47
C VAL B 6 -21.27 39.06 16.89
N PRO B 7 -22.13 38.37 17.63
CA PRO B 7 -23.37 39.01 18.11
C PRO B 7 -23.08 40.15 19.07
N ASN B 8 -24.00 41.11 19.13
CA ASN B 8 -23.86 42.24 20.04
C ASN B 8 -23.82 41.74 21.48
N GLY B 9 -22.96 42.36 22.28
CA GLY B 9 -22.76 41.94 23.66
C GLY B 9 -21.81 40.78 23.83
N PHE B 10 -21.25 40.23 22.75
CA PHE B 10 -20.28 39.16 22.83
C PHE B 10 -18.92 39.68 22.38
N GLU B 11 -17.88 38.99 22.82
CA GLU B 11 -16.52 39.33 22.45
C GLU B 11 -15.85 38.11 21.82
N SER B 12 -15.10 38.36 20.75
CA SER B 12 -14.24 37.36 20.14
C SER B 12 -12.85 37.48 20.77
N ALA B 13 -12.32 36.37 21.30
CA ALA B 13 -11.09 36.44 22.07
C ALA B 13 -10.30 35.14 21.92
N TYR B 14 -9.12 35.11 22.52
CA TYR B 14 -8.20 33.98 22.40
C TYR B 14 -7.60 33.68 23.77
N ARG B 15 -7.37 32.41 24.03
CA ARG B 15 -6.65 31.99 25.23
C ARG B 15 -5.67 30.88 24.85
N GLU B 16 -4.46 30.96 25.39
CA GLU B 16 -3.49 29.88 25.22
C GLU B 16 -3.81 28.77 26.21
N VAL B 17 -3.92 27.55 25.70
CA VAL B 17 -4.18 26.37 26.53
C VAL B 17 -3.16 25.32 26.09
N ASP B 18 -2.25 24.97 27.00
CA ASP B 18 -1.19 24.00 26.69
C ASP B 18 -0.46 24.37 25.40
N GLY B 19 -0.14 25.65 25.24
CA GLY B 19 0.64 26.09 24.10
C GLY B 19 -0.10 26.16 22.78
N VAL B 20 -1.44 26.05 22.81
CA VAL B 20 -2.28 26.13 21.63
C VAL B 20 -3.20 27.34 21.81
N LYS B 21 -3.20 28.25 20.83
CA LYS B 21 -4.03 29.44 20.94
C LYS B 21 -5.45 29.12 20.44
N LEU B 22 -6.41 29.11 21.35
CA LEU B 22 -7.79 28.76 21.05
C LEU B 22 -8.63 30.01 20.88
N HIS B 23 -9.44 30.05 19.83
CA HIS B 23 -10.37 31.13 19.62
C HIS B 23 -11.73 30.79 20.22
N TYR B 24 -12.41 31.81 20.76
CA TYR B 24 -13.75 31.59 21.27
C TYR B 24 -14.53 32.90 21.21
N VAL B 25 -15.85 32.78 21.31
CA VAL B 25 -16.74 33.92 21.44
C VAL B 25 -17.49 33.76 22.75
N LYS B 26 -17.53 34.83 23.55
CA LYS B 26 -18.01 34.77 24.92
C LYS B 26 -18.92 35.94 25.25
N GLY B 27 -20.01 35.66 25.98
CA GLY B 27 -20.87 36.72 26.49
C GLY B 27 -21.74 36.19 27.61
N GLY B 28 -22.48 37.10 28.23
CA GLY B 28 -23.42 36.74 29.27
C GLY B 28 -22.84 36.81 30.67
N GLN B 29 -23.71 36.53 31.63
CA GLN B 29 -23.36 36.50 33.05
C GLN B 29 -24.02 35.29 33.69
N GLY B 30 -23.39 34.76 34.74
CA GLY B 30 -23.92 33.63 35.45
C GLY B 30 -23.08 32.38 35.27
N PRO B 31 -23.63 31.21 35.62
CA PRO B 31 -22.86 29.97 35.47
C PRO B 31 -22.49 29.73 34.01
N LEU B 32 -21.41 28.99 33.81
CA LEU B 32 -20.83 28.81 32.48
C LEU B 32 -21.53 27.71 31.70
N VAL B 33 -21.84 28.00 30.43
CA VAL B 33 -22.22 26.99 29.44
C VAL B 33 -21.24 27.07 28.29
N MET B 34 -20.62 25.94 27.98
CA MET B 34 -19.72 25.83 26.83
C MET B 34 -20.44 25.10 25.71
N LEU B 35 -20.44 25.70 24.52
CA LEU B 35 -21.09 25.16 23.33
C LEU B 35 -20.00 24.76 22.35
N VAL B 36 -20.00 23.50 21.93
CA VAL B 36 -18.91 22.95 21.10
C VAL B 36 -19.48 22.50 19.76
N HIS B 37 -19.04 23.15 18.68
CA HIS B 37 -19.49 22.89 17.32
C HIS B 37 -18.89 21.58 16.79
N GLY B 38 -19.26 21.22 15.56
CA GLY B 38 -18.77 20.01 14.93
C GLY B 38 -18.29 20.25 13.51
N PHE B 39 -18.32 19.17 12.72
CA PHE B 39 -17.65 19.18 11.43
C PHE B 39 -18.32 20.12 10.45
N GLY B 40 -17.49 20.79 9.63
CA GLY B 40 -17.95 21.71 8.61
C GLY B 40 -18.33 23.07 9.14
N GLN B 41 -18.23 23.27 10.45
CA GLN B 41 -18.76 24.47 11.08
C GLN B 41 -17.74 25.00 12.07
N THR B 42 -18.15 26.03 12.79
CA THR B 42 -17.31 26.74 13.75
C THR B 42 -18.22 27.14 14.90
N TRP B 43 -17.68 27.94 15.82
CA TRP B 43 -18.49 28.53 16.88
C TRP B 43 -19.78 29.15 16.35
N TYR B 44 -19.76 29.62 15.10
CA TYR B 44 -20.85 30.42 14.58
C TYR B 44 -22.16 29.65 14.49
N GLU B 45 -22.12 28.31 14.43
CA GLU B 45 -23.39 27.58 14.38
C GLU B 45 -24.23 27.85 15.62
N TRP B 46 -23.62 28.32 16.70
CA TRP B 46 -24.36 28.63 17.92
C TRP B 46 -24.83 30.07 17.99
N HIS B 47 -24.68 30.88 16.93
CA HIS B 47 -24.85 32.32 17.10
C HIS B 47 -26.30 32.72 17.37
N GLN B 48 -27.27 31.87 17.03
CA GLN B 48 -28.65 32.16 17.37
C GLN B 48 -29.01 31.79 18.80
N LEU B 49 -28.42 30.71 19.30
CA LEU B 49 -28.66 30.27 20.68
C LEU B 49 -27.96 31.14 21.69
N MET B 50 -26.77 31.63 21.35
CA MET B 50 -25.93 32.33 22.33
C MET B 50 -26.61 33.52 22.98
N PRO B 51 -27.24 34.46 22.25
CA PRO B 51 -27.88 35.60 22.94
C PRO B 51 -29.02 35.20 23.86
N GLU B 52 -29.77 34.17 23.52
CA GLU B 52 -30.85 33.73 24.40
C GLU B 52 -30.27 33.10 25.67
N LEU B 53 -29.29 32.22 25.52
CA LEU B 53 -28.63 31.63 26.67
C LEU B 53 -27.92 32.67 27.53
N ALA B 54 -27.40 33.73 26.91
CA ALA B 54 -26.64 34.73 27.64
C ALA B 54 -27.52 35.55 28.59
N LYS B 55 -28.84 35.38 28.53
CA LYS B 55 -29.71 36.06 29.48
C LYS B 55 -29.62 35.44 30.86
N ARG B 56 -29.18 34.19 30.96
CA ARG B 56 -29.10 33.48 32.25
C ARG B 56 -27.75 32.86 32.54
N PHE B 57 -26.85 32.74 31.55
CA PHE B 57 -25.59 32.05 31.73
C PHE B 57 -24.47 32.87 31.10
N THR B 58 -23.25 32.64 31.57
CA THR B 58 -22.07 33.00 30.79
C THR B 58 -21.91 31.95 29.71
N VAL B 59 -21.80 32.39 28.46
CA VAL B 59 -21.77 31.48 27.32
C VAL B 59 -20.42 31.61 26.62
N ILE B 60 -19.77 30.47 26.39
CA ILE B 60 -18.52 30.44 25.62
C ILE B 60 -18.66 29.43 24.52
N ALA B 61 -18.27 29.83 23.30
CA ALA B 61 -18.35 28.96 22.13
C ALA B 61 -16.97 28.93 21.48
N PRO B 62 -16.16 27.89 21.75
CA PRO B 62 -14.81 27.82 21.17
C PRO B 62 -14.85 27.24 19.76
N ASP B 63 -13.82 27.60 19.00
CA ASP B 63 -13.48 26.87 17.79
C ASP B 63 -12.63 25.65 18.15
N LEU B 64 -13.02 24.48 17.63
CA LEU B 64 -12.23 23.28 17.86
C LEU B 64 -10.81 23.47 17.33
N PRO B 65 -9.81 22.86 17.97
CA PRO B 65 -8.43 22.99 17.51
C PRO B 65 -8.29 22.72 16.01
N GLY B 66 -7.63 23.64 15.33
CA GLY B 66 -7.40 23.55 13.90
C GLY B 66 -8.52 24.11 13.05
N LEU B 67 -9.71 24.30 13.62
CA LEU B 67 -10.87 24.79 12.90
C LEU B 67 -11.18 26.22 13.32
N GLY B 68 -11.98 26.89 12.49
CA GLY B 68 -12.24 28.30 12.73
C GLY B 68 -10.95 29.08 12.84
N GLN B 69 -10.82 29.83 13.93
CA GLN B 69 -9.62 30.61 14.18
C GLN B 69 -8.75 30.03 15.29
N SER B 70 -8.94 28.75 15.62
CA SER B 70 -8.14 28.08 16.65
C SER B 70 -6.93 27.39 16.02
N GLU B 71 -5.81 27.44 16.72
CA GLU B 71 -4.61 26.74 16.27
C GLU B 71 -4.81 25.23 16.36
N PRO B 72 -4.14 24.48 15.49
CA PRO B 72 -4.20 23.02 15.56
C PRO B 72 -3.71 22.52 16.91
N PRO B 73 -4.14 21.35 17.34
CA PRO B 73 -3.61 20.77 18.57
C PRO B 73 -2.15 20.40 18.38
N LYS B 74 -1.38 20.53 19.46
CA LYS B 74 0.01 20.10 19.43
C LYS B 74 0.21 18.68 19.94
N THR B 75 -0.83 18.06 20.53
CA THR B 75 -0.76 16.66 20.93
C THR B 75 -1.30 15.76 19.81
N GLY B 76 -2.59 15.85 19.54
CA GLY B 76 -3.19 15.03 18.50
C GLY B 76 -4.68 15.29 18.43
N TYR B 77 -5.35 14.56 17.53
CA TYR B 77 -6.74 14.81 17.24
C TYR B 77 -7.69 13.78 17.86
N SER B 78 -7.20 12.84 18.65
CA SER B 78 -8.08 11.87 19.28
C SER B 78 -8.93 12.58 20.32
N GLY B 79 -10.07 11.96 20.64
CA GLY B 79 -11.00 12.58 21.57
C GLY B 79 -10.36 12.89 22.91
N GLU B 80 -9.54 11.98 23.42
CA GLU B 80 -8.95 12.23 24.73
C GLU B 80 -7.96 13.37 24.69
N GLN B 81 -7.23 13.51 23.59
CA GLN B 81 -6.27 14.61 23.48
C GLN B 81 -6.98 15.95 23.32
N VAL B 82 -8.00 16.02 22.46
CA VAL B 82 -8.64 17.30 22.20
C VAL B 82 -9.44 17.73 23.42
N ALA B 83 -10.03 16.77 24.12
CA ALA B 83 -10.86 17.10 25.27
C ALA B 83 -10.07 17.84 26.35
N VAL B 84 -8.77 17.57 26.44
CA VAL B 84 -7.94 18.29 27.41
C VAL B 84 -8.00 19.79 27.15
N TYR B 85 -7.87 20.19 25.89
CA TYR B 85 -7.90 21.61 25.57
C TYR B 85 -9.23 22.23 25.95
N LEU B 86 -10.33 21.56 25.62
CA LEU B 86 -11.64 22.13 25.90
C LEU B 86 -11.92 22.16 27.40
N HIS B 87 -11.51 21.11 28.12
CA HIS B 87 -11.70 21.08 29.56
C HIS B 87 -10.92 22.20 30.23
N LYS B 88 -9.66 22.37 29.85
CA LYS B 88 -8.84 23.42 30.48
C LYS B 88 -9.33 24.81 30.09
N LEU B 89 -9.80 24.98 28.85
CA LEU B 89 -10.37 26.27 28.49
C LEU B 89 -11.59 26.59 29.36
N ALA B 90 -12.48 25.61 29.54
CA ALA B 90 -13.66 25.86 30.37
C ALA B 90 -13.28 26.21 31.79
N ARG B 91 -12.29 25.51 32.35
CA ARG B 91 -11.88 25.76 33.73
C ARG B 91 -11.23 27.12 33.93
N GLN B 92 -10.64 27.70 32.87
CA GLN B 92 -10.14 29.06 33.02
C GLN B 92 -11.27 30.03 33.33
N PHE B 93 -12.49 29.74 32.87
CA PHE B 93 -13.61 30.63 33.09
C PHE B 93 -14.57 30.17 34.18
N SER B 94 -14.53 28.89 34.57
CA SER B 94 -15.37 28.37 35.64
C SER B 94 -14.55 27.49 36.58
N PRO B 95 -13.54 28.05 37.24
CA PRO B 95 -12.68 27.22 38.10
C PRO B 95 -13.37 26.73 39.38
N ASP B 96 -14.39 27.43 39.87
CA ASP B 96 -14.95 27.14 41.18
C ASP B 96 -16.35 26.54 41.13
N ARG B 97 -16.95 26.41 39.95
CA ARG B 97 -18.28 25.88 39.75
CA ARG B 97 -18.28 25.88 39.76
C ARG B 97 -18.27 24.83 38.65
N PRO B 98 -19.18 23.86 38.71
CA PRO B 98 -19.36 22.99 37.53
C PRO B 98 -20.00 23.80 36.42
N PHE B 99 -19.71 23.42 35.18
CA PHE B 99 -20.24 24.13 34.02
C PHE B 99 -21.10 23.19 33.20
N ASP B 100 -21.97 23.77 32.36
CA ASP B 100 -22.78 23.00 31.42
C ASP B 100 -22.04 22.83 30.11
N LEU B 101 -22.35 21.73 29.42
CA LEU B 101 -21.71 21.44 28.15
C LEU B 101 -22.77 21.06 27.13
N VAL B 102 -22.74 21.72 25.98
CA VAL B 102 -23.61 21.41 24.85
C VAL B 102 -22.70 21.13 23.66
N ALA B 103 -22.88 19.97 23.00
CA ALA B 103 -22.01 19.60 21.89
C ALA B 103 -22.79 19.00 20.75
N HIS B 104 -22.35 19.31 19.52
CA HIS B 104 -22.96 18.87 18.27
C HIS B 104 -21.89 18.16 17.41
N SER B 105 -22.28 17.09 16.74
CA SER B 105 -21.38 16.46 15.73
C SER B 105 -20.07 16.05 16.42
N ILE B 106 -18.91 16.29 15.80
CA ILE B 106 -17.65 15.86 16.40
C ILE B 106 -17.30 16.62 17.68
N GLY B 107 -18.07 17.66 18.03
CA GLY B 107 -17.94 18.21 19.37
C GLY B 107 -18.18 17.17 20.46
N ILE B 108 -19.07 16.21 20.20
CA ILE B 108 -19.27 15.07 21.10
C ILE B 108 -17.97 14.28 21.24
N TRP B 109 -17.35 13.90 20.11
CA TRP B 109 -16.13 13.11 20.17
C TRP B 109 -15.06 13.81 21.01
N ASN B 110 -14.98 15.12 20.88
CA ASN B 110 -13.94 15.92 21.49
C ASN B 110 -14.27 16.37 22.89
N THR B 111 -15.44 16.01 23.43
CA THR B 111 -15.76 16.36 24.81
C THR B 111 -16.05 15.16 25.69
N TYR B 112 -16.53 14.04 25.13
CA TYR B 112 -16.90 12.90 25.97
C TYR B 112 -15.81 12.48 26.95
N PRO B 113 -14.54 12.36 26.56
CA PRO B 113 -13.54 11.91 27.56
C PRO B 113 -13.38 12.85 28.73
N MET B 114 -13.46 14.17 28.52
CA MET B 114 -13.31 15.05 29.67
C MET B 114 -14.57 15.09 30.52
N VAL B 115 -15.74 14.83 29.94
CA VAL B 115 -16.96 14.68 30.75
C VAL B 115 -16.84 13.46 31.66
N VAL B 116 -16.44 12.31 31.10
CA VAL B 116 -16.45 11.09 31.89
C VAL B 116 -15.34 11.11 32.93
N LYS B 117 -14.22 11.76 32.63
CA LYS B 117 -13.11 11.80 33.57
C LYS B 117 -13.20 12.91 34.61
N ASN B 118 -14.08 13.89 34.41
CA ASN B 118 -14.20 15.05 35.29
C ASN B 118 -15.66 15.33 35.60
N GLN B 119 -16.39 14.31 36.05
CA GLN B 119 -17.85 14.44 36.17
C GLN B 119 -18.26 15.52 37.14
N ALA B 120 -17.49 15.74 38.21
CA ALA B 120 -17.80 16.81 39.17
C ALA B 120 -17.73 18.19 38.56
N ASP B 121 -17.05 18.34 37.41
CA ASP B 121 -16.96 19.61 36.72
C ASP B 121 -18.13 19.87 35.78
N ILE B 122 -18.96 18.88 35.51
CA ILE B 122 -20.01 18.99 34.49
C ILE B 122 -21.35 19.01 35.21
N ALA B 123 -22.04 20.15 35.18
CA ALA B 123 -23.33 20.21 35.86
C ALA B 123 -24.41 19.48 35.04
N ARG B 124 -24.57 19.86 33.79
CA ARG B 124 -25.57 19.27 32.90
C ARG B 124 -24.98 19.13 31.50
N LEU B 125 -25.46 18.14 30.76
CA LEU B 125 -24.86 17.74 29.49
C LEU B 125 -25.92 17.66 28.41
N VAL B 126 -25.67 18.27 27.26
CA VAL B 126 -26.56 18.16 26.11
C VAL B 126 -25.72 17.69 24.93
N TYR B 127 -26.10 16.56 24.33
CA TYR B 127 -25.40 16.01 23.17
C TYR B 127 -26.38 15.90 22.01
N MET B 128 -25.97 16.33 20.83
CA MET B 128 -26.87 16.25 19.69
C MET B 128 -26.14 15.81 18.43
N GLU B 129 -26.78 14.90 17.69
CA GLU B 129 -26.46 14.61 16.29
C GLU B 129 -25.00 14.18 16.08
N ALA B 130 -24.63 13.09 16.78
CA ALA B 130 -23.43 12.33 16.44
C ALA B 130 -23.30 11.16 17.40
N PRO B 131 -22.79 10.02 16.94
CA PRO B 131 -22.48 8.94 17.88
C PRO B 131 -21.29 9.31 18.75
N ILE B 132 -21.38 8.92 20.01
CA ILE B 132 -20.13 8.78 20.78
C ILE B 132 -19.30 7.72 20.10
N PRO B 133 -18.02 7.95 19.86
CA PRO B 133 -17.21 6.92 19.19
C PRO B 133 -17.15 5.63 20.00
N ASP B 134 -17.80 4.58 19.49
CA ASP B 134 -17.70 3.24 20.05
C ASP B 134 -18.01 2.24 18.94
N ALA B 135 -18.08 0.96 19.28
CA ALA B 135 -18.21 -0.06 18.22
C ALA B 135 -19.52 0.05 17.45
N ARG B 136 -20.51 0.79 17.96
CA ARG B 136 -21.75 0.95 17.22
C ARG B 136 -21.51 1.59 15.87
N ILE B 137 -20.46 2.41 15.73
CA ILE B 137 -20.28 3.08 14.44
C ILE B 137 -19.90 2.10 13.35
N TYR B 138 -19.42 0.91 13.70
CA TYR B 138 -19.07 -0.09 12.70
C TYR B 138 -20.29 -0.83 12.15
N ARG B 139 -21.49 -0.54 12.66
CA ARG B 139 -22.71 -1.14 12.14
C ARG B 139 -23.40 -0.28 11.10
N PHE B 140 -23.01 0.99 10.96
CA PHE B 140 -23.64 1.85 9.97
C PHE B 140 -23.34 1.32 8.57
N PRO B 141 -24.33 1.29 7.69
CA PRO B 141 -24.13 0.69 6.37
C PRO B 141 -23.39 1.63 5.41
N ALA B 142 -22.63 1.00 4.49
CA ALA B 142 -21.90 1.73 3.47
C ALA B 142 -22.80 2.32 2.39
N PHE B 143 -24.00 1.77 2.21
CA PHE B 143 -24.83 2.06 1.05
C PHE B 143 -26.25 1.65 1.42
N THR B 144 -27.23 2.35 0.87
CA THR B 144 -28.63 2.08 1.19
C THR B 144 -29.43 1.92 -0.08
N ALA B 145 -30.61 1.33 0.06
CA ALA B 145 -31.50 1.16 -1.08
C ALA B 145 -32.00 2.49 -1.66
N GLN B 146 -31.71 3.61 -1.01
CA GLN B 146 -32.09 4.93 -1.50
C GLN B 146 -30.90 5.77 -1.97
N GLY B 147 -29.69 5.21 -1.98
CA GLY B 147 -28.52 5.95 -2.40
C GLY B 147 -27.49 6.03 -1.28
N GLU B 148 -26.73 7.13 -1.28
CA GLU B 148 -25.61 7.27 -0.35
C GLU B 148 -26.10 7.21 1.09
N SER B 149 -25.28 6.61 1.95
CA SER B 149 -25.61 6.39 3.35
C SER B 149 -25.20 7.58 4.21
N LEU B 150 -25.48 7.49 5.52
CA LEU B 150 -25.28 8.62 6.41
C LEU B 150 -23.80 8.88 6.70
N VAL B 151 -22.99 7.82 6.90
CA VAL B 151 -21.64 8.07 7.39
C VAL B 151 -20.56 7.40 6.54
N TRP B 152 -20.81 7.23 5.24
CA TRP B 152 -19.73 6.78 4.35
C TRP B 152 -18.55 7.74 4.38
N HIS B 153 -18.80 9.01 4.71
CA HIS B 153 -17.72 9.97 4.86
C HIS B 153 -16.75 9.59 5.98
N PHE B 154 -17.17 8.75 6.93
CA PHE B 154 -16.20 8.26 7.92
C PHE B 154 -15.00 7.64 7.23
N SER B 155 -15.25 6.81 6.21
CA SER B 155 -14.15 6.18 5.47
C SER B 155 -13.42 7.19 4.59
N PHE B 156 -14.18 8.02 3.86
CA PHE B 156 -13.59 9.02 2.98
C PHE B 156 -12.63 9.91 3.75
N PHE B 157 -13.09 10.44 4.89
CA PHE B 157 -12.28 11.39 5.67
C PHE B 157 -11.12 10.70 6.38
N ALA B 158 -11.29 9.44 6.81
CA ALA B 158 -10.23 8.75 7.53
C ALA B 158 -9.17 8.15 6.61
N ALA B 159 -9.44 8.05 5.31
CA ALA B 159 -8.50 7.48 4.36
C ALA B 159 -7.16 8.20 4.40
N ASP B 160 -6.08 7.46 4.13
CA ASP B 160 -4.75 8.05 4.11
C ASP B 160 -4.48 8.69 2.76
N ASP B 161 -3.20 8.93 2.44
CA ASP B 161 -2.78 9.67 1.24
C ASP B 161 -3.40 11.06 1.15
N ARG B 162 -3.89 11.61 2.27
CA ARG B 162 -4.64 12.87 2.24
C ARG B 162 -5.69 12.83 1.15
N LEU B 163 -6.39 11.70 1.05
CA LEU B 163 -7.40 11.52 0.00
C LEU B 163 -8.40 12.66 -0.01
N ALA B 164 -8.97 12.98 1.16
CA ALA B 164 -10.03 13.98 1.23
C ALA B 164 -9.50 15.38 0.90
N GLU B 165 -8.38 15.78 1.50
CA GLU B 165 -7.83 17.11 1.20
C GLU B 165 -7.49 17.24 -0.27
N THR B 166 -6.95 16.18 -0.86
CA THR B 166 -6.50 16.27 -2.23
C THR B 166 -7.69 16.37 -3.18
N LEU B 167 -8.77 15.64 -2.90
CA LEU B 167 -9.93 15.71 -3.79
C LEU B 167 -10.74 16.98 -3.58
N ILE B 168 -10.79 17.49 -2.35
CA ILE B 168 -11.67 18.60 -2.03
C ILE B 168 -10.99 19.97 -2.24
N ALA B 169 -9.67 20.05 -2.16
CA ALA B 169 -8.99 21.33 -2.38
C ALA B 169 -9.37 21.90 -3.75
N GLY B 170 -9.70 23.19 -3.77
CA GLY B 170 -10.21 23.83 -4.97
C GLY B 170 -11.70 23.61 -5.22
N LYS B 171 -12.35 22.76 -4.43
CA LYS B 171 -13.75 22.43 -4.55
C LYS B 171 -14.41 22.47 -3.18
N GLU B 172 -13.87 23.30 -2.28
CA GLU B 172 -14.28 23.24 -0.87
C GLU B 172 -15.73 23.70 -0.71
N ARG B 173 -16.11 24.78 -1.40
CA ARG B 173 -17.47 25.27 -1.35
C ARG B 173 -18.43 24.25 -1.96
N PHE B 174 -18.06 23.68 -3.10
CA PHE B 174 -18.88 22.66 -3.74
C PHE B 174 -19.11 21.48 -2.80
N PHE B 175 -18.02 20.97 -2.19
CA PHE B 175 -18.17 19.78 -1.37
C PHE B 175 -19.01 20.08 -0.13
N LEU B 176 -18.74 21.19 0.53
CA LEU B 176 -19.43 21.49 1.77
C LEU B 176 -20.92 21.70 1.52
N GLU B 177 -21.28 22.36 0.42
CA GLU B 177 -22.69 22.50 0.09
C GLU B 177 -23.33 21.14 -0.10
N HIS B 178 -22.69 20.25 -0.87
CA HIS B 178 -23.26 18.91 -1.04
C HIS B 178 -23.38 18.18 0.28
N PHE B 179 -22.33 18.25 1.11
CA PHE B 179 -22.32 17.51 2.37
C PHE B 179 -23.40 18.02 3.31
N ILE B 180 -23.51 19.34 3.42
CA ILE B 180 -24.52 19.90 4.31
C ILE B 180 -25.91 19.51 3.83
N LYS B 181 -26.19 19.69 2.54
CA LYS B 181 -27.54 19.44 2.07
C LYS B 181 -27.88 17.96 2.05
N SER B 182 -26.89 17.08 1.84
CA SER B 182 -27.13 15.64 1.91
CA SER B 182 -27.15 15.65 1.91
C SER B 182 -27.44 15.17 3.33
N HIS B 183 -27.09 15.97 4.34
CA HIS B 183 -27.38 15.63 5.73
C HIS B 183 -28.45 16.53 6.32
N ALA B 184 -29.15 17.29 5.49
CA ALA B 184 -30.18 18.23 5.92
C ALA B 184 -31.57 17.79 5.50
N SER B 185 -32.58 18.18 6.29
CA SER B 185 -33.96 18.21 5.84
C SER B 185 -34.34 19.59 5.33
N ASN B 186 -33.90 20.63 6.01
CA ASN B 186 -34.25 22.01 5.69
C ASN B 186 -33.02 22.67 5.09
N THR B 187 -32.92 22.65 3.76
CA THR B 187 -31.72 23.20 3.12
C THR B 187 -31.81 24.71 2.91
N GLU B 188 -33.02 25.26 2.90
CA GLU B 188 -33.19 26.69 2.64
C GLU B 188 -32.52 27.55 3.70
N VAL B 189 -32.27 27.02 4.89
CA VAL B 189 -31.62 27.82 5.93
C VAL B 189 -30.17 28.11 5.60
N PHE B 190 -29.60 27.41 4.61
CA PHE B 190 -28.19 27.56 4.25
C PHE B 190 -28.10 28.46 3.03
N SER B 191 -28.09 29.76 3.30
CA SER B 191 -27.98 30.77 2.25
C SER B 191 -26.61 30.68 1.58
N GLU B 192 -26.51 31.32 0.41
CA GLU B 192 -25.20 31.39 -0.26
C GLU B 192 -24.18 32.08 0.63
N ARG B 193 -24.60 33.13 1.33
CA ARG B 193 -23.70 33.85 2.22
C ARG B 193 -23.21 32.95 3.35
N LEU B 194 -24.12 32.18 3.96
CA LEU B 194 -23.72 31.30 5.05
C LEU B 194 -22.79 30.21 4.57
N LEU B 195 -23.11 29.60 3.43
CA LEU B 195 -22.24 28.58 2.87
C LEU B 195 -20.88 29.15 2.49
N ASP B 196 -20.86 30.39 1.97
CA ASP B 196 -19.60 31.08 1.67
C ASP B 196 -18.73 31.18 2.91
N LEU B 197 -19.33 31.61 4.03
CA LEU B 197 -18.56 31.81 5.27
C LEU B 197 -17.98 30.49 5.78
N TYR B 198 -18.79 29.44 5.85
CA TYR B 198 -18.29 28.17 6.33
C TYR B 198 -17.24 27.60 5.39
N ALA B 199 -17.46 27.71 4.08
CA ALA B 199 -16.51 27.18 3.11
C ALA B 199 -15.17 27.89 3.22
N ARG B 200 -15.20 29.23 3.32
CA ARG B 200 -13.95 29.97 3.42
C ARG B 200 -13.18 29.57 4.66
N SER B 201 -13.89 29.29 5.76
CA SER B 201 -13.21 28.93 6.99
C SER B 201 -12.51 27.57 6.87
N TYR B 202 -13.27 26.54 6.51
CA TYR B 202 -12.62 25.23 6.53
C TYR B 202 -11.72 25.02 5.32
N ALA B 203 -11.73 25.96 4.35
CA ALA B 203 -10.83 25.83 3.21
C ALA B 203 -9.41 26.29 3.52
N LYS B 204 -9.19 26.99 4.62
CA LYS B 204 -7.83 27.24 5.06
C LYS B 204 -7.09 25.89 5.08
N PRO B 205 -5.92 25.79 4.46
CA PRO B 205 -5.29 24.45 4.35
C PRO B 205 -5.12 23.74 5.68
N HIS B 206 -4.74 24.43 6.76
CA HIS B 206 -4.61 23.72 8.02
C HIS B 206 -5.96 23.35 8.60
N SER B 207 -7.02 24.08 8.25
CA SER B 207 -8.36 23.71 8.72
C SER B 207 -8.97 22.59 7.88
N LEU B 208 -8.66 22.55 6.58
CA LEU B 208 -9.13 21.43 5.77
C LEU B 208 -8.51 20.14 6.27
N ASN B 209 -7.20 20.16 6.55
CA ASN B 209 -6.53 18.99 7.09
C ASN B 209 -7.06 18.67 8.49
N ALA B 210 -7.17 19.68 9.35
CA ALA B 210 -7.67 19.43 10.70
C ALA B 210 -9.03 18.73 10.67
N SER B 211 -9.91 19.14 9.75
CA SER B 211 -11.24 18.56 9.63
C SER B 211 -11.17 17.05 9.54
N PHE B 212 -10.29 16.55 8.68
CA PHE B 212 -10.23 15.12 8.45
C PHE B 212 -9.36 14.39 9.46
N GLU B 213 -8.41 15.08 10.10
CA GLU B 213 -7.63 14.44 11.14
C GLU B 213 -8.51 13.98 12.31
N TYR B 214 -9.60 14.69 12.58
CA TYR B 214 -10.54 14.18 13.58
C TYR B 214 -11.05 12.79 13.20
N TYR B 215 -11.31 12.56 11.90
CA TYR B 215 -11.78 11.24 11.45
C TYR B 215 -10.64 10.23 11.38
N ARG B 216 -9.43 10.67 11.04
CA ARG B 216 -8.30 9.75 11.04
C ARG B 216 -7.94 9.27 12.44
N ALA B 217 -8.40 9.98 13.48
CA ALA B 217 -8.21 9.57 14.86
C ALA B 217 -9.42 8.84 15.42
N LEU B 218 -10.45 8.59 14.60
CA LEU B 218 -11.71 8.07 15.12
C LEU B 218 -11.56 6.69 15.73
N ASN B 219 -10.82 5.79 15.06
CA ASN B 219 -10.67 4.46 15.63
C ASN B 219 -9.88 4.51 16.94
N GLU B 220 -8.89 5.39 17.01
CA GLU B 220 -8.18 5.58 18.28
C GLU B 220 -9.14 6.07 19.35
N SER B 221 -10.03 7.00 18.98
CA SER B 221 -11.01 7.49 19.94
C SER B 221 -11.93 6.37 20.41
N VAL B 222 -12.38 5.51 19.49
CA VAL B 222 -13.15 4.32 19.87
C VAL B 222 -12.40 3.49 20.89
N ARG B 223 -11.11 3.22 20.64
CA ARG B 223 -10.35 2.39 21.57
C ARG B 223 -10.21 3.08 22.93
N GLN B 224 -9.97 4.38 22.93
CA GLN B 224 -9.93 5.15 24.18
C GLN B 224 -11.26 5.03 24.91
N ASN B 225 -12.37 5.22 24.21
CA ASN B 225 -13.68 5.26 24.87
C ASN B 225 -14.07 3.88 25.39
N ALA B 226 -13.53 2.81 24.83
CA ALA B 226 -13.84 1.49 25.35
C ALA B 226 -13.41 1.35 26.80
N GLU B 227 -12.28 1.96 27.17
CA GLU B 227 -11.86 1.98 28.56
C GLU B 227 -12.64 3.00 29.38
N LEU B 228 -12.83 4.21 28.84
CA LEU B 228 -13.49 5.26 29.61
C LEU B 228 -14.93 4.91 29.94
N ALA B 229 -15.61 4.18 29.04
CA ALA B 229 -17.03 3.89 29.21
C ALA B 229 -17.29 2.91 30.35
N LYS B 230 -16.25 2.37 30.98
CA LYS B 230 -16.46 1.55 32.18
C LYS B 230 -17.09 2.35 33.31
N THR B 231 -17.04 3.68 33.24
CA THR B 231 -17.66 4.57 34.23
C THR B 231 -18.84 5.28 33.57
N ARG B 232 -20.04 5.04 34.07
CA ARG B 232 -21.23 5.70 33.53
C ARG B 232 -21.27 7.17 33.93
N LEU B 233 -21.90 7.98 33.08
CA LEU B 233 -22.13 9.38 33.40
C LEU B 233 -23.30 9.50 34.37
N GLN B 234 -23.12 10.34 35.38
CA GLN B 234 -24.12 10.52 36.43
C GLN B 234 -24.85 11.85 36.37
N MET B 235 -24.41 12.79 35.55
CA MET B 235 -25.06 14.09 35.57
C MET B 235 -26.30 14.10 34.68
N PRO B 236 -27.25 15.00 34.93
CA PRO B 236 -28.42 15.11 34.05
C PRO B 236 -27.99 15.37 32.61
N THR B 237 -28.53 14.56 31.70
CA THR B 237 -28.17 14.60 30.29
CA THR B 237 -28.17 14.67 30.30
C THR B 237 -29.42 14.69 29.44
N MET B 238 -29.32 15.40 28.32
CA MET B 238 -30.35 15.43 27.30
C MET B 238 -29.72 15.18 25.94
N THR B 239 -30.35 14.33 25.14
CA THR B 239 -29.94 14.16 23.76
C THR B 239 -30.98 14.77 22.84
N LEU B 240 -30.51 15.33 21.73
CA LEU B 240 -31.38 15.80 20.65
C LEU B 240 -30.93 15.15 19.36
N ALA B 241 -31.89 14.85 18.48
CA ALA B 241 -31.55 14.27 17.20
C ALA B 241 -32.62 14.66 16.20
N GLY B 242 -32.22 14.78 14.93
CA GLY B 242 -33.19 15.08 13.89
C GLY B 242 -33.94 13.82 13.48
N GLY B 243 -35.26 13.98 13.25
CA GLY B 243 -36.08 12.86 12.84
C GLY B 243 -36.29 12.81 11.34
N GLY B 244 -35.86 13.86 10.63
CA GLY B 244 -36.01 13.92 9.20
C GLY B 244 -34.79 13.38 8.47
N HIS B 245 -34.82 13.53 7.15
CA HIS B 245 -33.69 13.12 6.32
C HIS B 245 -32.39 13.75 6.82
N GLY B 246 -31.36 12.91 6.97
CA GLY B 246 -30.07 13.35 7.47
C GLY B 246 -29.88 13.21 8.96
N GLY B 247 -30.95 12.97 9.74
CA GLY B 247 -30.84 12.95 11.19
C GLY B 247 -30.47 11.58 11.75
N MET B 248 -30.04 11.59 13.03
CA MET B 248 -29.70 10.33 13.70
C MET B 248 -30.92 9.59 14.22
N GLY B 249 -32.07 10.25 14.36
CA GLY B 249 -33.26 9.54 14.81
C GLY B 249 -33.09 8.99 16.21
N THR B 250 -33.66 7.80 16.44
CA THR B 250 -33.66 7.20 17.76
C THR B 250 -32.28 6.73 18.21
N PHE B 251 -31.29 6.68 17.30
CA PHE B 251 -29.97 6.19 17.68
C PHE B 251 -29.37 7.01 18.79
N GLN B 252 -29.55 8.34 18.74
CA GLN B 252 -28.86 9.22 19.68
C GLN B 252 -29.21 8.89 21.13
N LEU B 253 -30.51 8.83 21.44
CA LEU B 253 -30.93 8.51 22.80
C LEU B 253 -30.60 7.07 23.15
N GLU B 254 -30.82 6.14 22.22
CA GLU B 254 -30.60 4.74 22.54
C GLU B 254 -29.14 4.47 22.87
N GLN B 255 -28.21 5.10 22.16
CA GLN B 255 -26.81 4.96 22.52
C GLN B 255 -26.54 5.60 23.87
N MET B 256 -27.05 6.81 24.09
CA MET B 256 -26.78 7.51 25.34
C MET B 256 -27.28 6.74 26.55
N LYS B 257 -28.37 5.97 26.39
CA LYS B 257 -28.89 5.16 27.50
C LYS B 257 -27.83 4.20 28.02
N ALA B 258 -26.91 3.75 27.17
CA ALA B 258 -25.85 2.87 27.61
C ALA B 258 -24.74 3.60 28.37
N TYR B 259 -24.71 4.93 28.26
CA TYR B 259 -23.64 5.76 28.85
C TYR B 259 -24.07 6.54 30.08
N ALA B 260 -25.35 6.88 30.19
CA ALA B 260 -25.80 7.83 31.21
C ALA B 260 -26.97 7.26 31.98
N GLU B 261 -26.91 7.39 33.31
CA GLU B 261 -27.99 6.94 34.18
C GLU B 261 -29.21 7.85 34.12
N ASP B 262 -29.02 9.14 33.87
CA ASP B 262 -30.05 10.16 33.98
C ASP B 262 -30.11 10.88 32.64
N VAL B 263 -30.91 10.39 31.71
CA VAL B 263 -30.92 10.92 30.35
C VAL B 263 -32.36 11.00 29.85
N GLU B 264 -32.67 12.10 29.18
CA GLU B 264 -33.92 12.27 28.46
C GLU B 264 -33.56 12.63 27.02
N GLY B 265 -34.42 12.26 26.09
CA GLY B 265 -34.12 12.47 24.68
C GLY B 265 -35.31 13.01 23.92
N HIS B 266 -35.00 13.76 22.86
CA HIS B 266 -36.00 14.23 21.92
C HIS B 266 -35.53 13.99 20.50
N VAL B 267 -36.46 13.55 19.66
CA VAL B 267 -36.26 13.49 18.22
C VAL B 267 -37.15 14.57 17.60
N LEU B 268 -36.56 15.42 16.75
CA LEU B 268 -37.26 16.55 16.18
C LEU B 268 -37.73 16.20 14.79
N PRO B 269 -39.01 15.92 14.57
CA PRO B 269 -39.48 15.62 13.22
C PRO B 269 -39.24 16.80 12.29
N GLY B 270 -38.95 16.50 11.02
CA GLY B 270 -38.76 17.52 10.02
C GLY B 270 -37.43 18.24 10.09
N CYS B 271 -36.47 17.71 10.87
CA CYS B 271 -35.15 18.30 11.05
C CYS B 271 -34.10 17.25 10.75
N GLY B 272 -33.02 17.67 10.10
CA GLY B 272 -31.92 16.78 9.77
C GLY B 272 -30.80 16.88 10.78
N HIS B 273 -29.56 16.85 10.26
CA HIS B 273 -28.37 16.81 11.11
C HIS B 273 -28.02 18.15 11.73
N TRP B 274 -28.32 19.24 11.05
CA TRP B 274 -27.79 20.56 11.42
C TRP B 274 -28.78 21.31 12.31
N LEU B 275 -29.07 20.71 13.48
CA LEU B 275 -30.15 21.19 14.33
C LEU B 275 -30.09 22.68 14.66
N PRO B 276 -28.94 23.27 15.03
CA PRO B 276 -28.94 24.70 15.38
C PRO B 276 -29.40 25.59 14.25
N GLU B 277 -29.17 25.21 13.00
CA GLU B 277 -29.60 26.02 11.86
C GLU B 277 -30.90 25.54 11.25
N GLU B 278 -31.09 24.24 11.07
CA GLU B 278 -32.31 23.74 10.47
C GLU B 278 -33.52 23.95 11.35
N CYS B 279 -33.35 23.82 12.67
CA CYS B 279 -34.47 23.84 13.58
C CYS B 279 -34.11 24.65 14.83
N ALA B 280 -33.72 25.90 14.58
CA ALA B 280 -33.14 26.75 15.61
C ALA B 280 -34.12 26.97 16.76
N ALA B 281 -35.38 27.30 16.45
CA ALA B 281 -36.29 27.71 17.52
C ALA B 281 -36.59 26.55 18.47
N PRO B 282 -37.06 25.38 18.01
CA PRO B 282 -37.29 24.27 18.97
C PRO B 282 -36.01 23.78 19.63
N MET B 283 -34.91 23.72 18.91
CA MET B 283 -33.67 23.28 19.54
C MET B 283 -33.25 24.24 20.63
N ASN B 284 -33.29 25.54 20.34
CA ASN B 284 -32.95 26.55 21.35
C ASN B 284 -33.83 26.40 22.58
N ARG B 285 -35.13 26.24 22.37
CA ARG B 285 -36.04 26.13 23.50
C ARG B 285 -35.73 24.92 24.36
N LEU B 286 -35.46 23.78 23.73
CA LEU B 286 -35.24 22.57 24.52
C LEU B 286 -33.94 22.67 25.31
N VAL B 287 -32.90 23.24 24.71
CA VAL B 287 -31.63 23.44 25.42
C VAL B 287 -31.82 24.41 26.58
N ILE B 288 -32.43 25.56 26.30
CA ILE B 288 -32.59 26.57 27.34
C ILE B 288 -33.40 26.02 28.50
N ASP B 289 -34.50 25.33 28.21
CA ASP B 289 -35.32 24.80 29.28
C ASP B 289 -34.58 23.75 30.09
N PHE B 290 -33.90 22.82 29.41
CA PHE B 290 -33.17 21.77 30.11
C PHE B 290 -32.09 22.35 31.00
N LEU B 291 -31.35 23.34 30.50
CA LEU B 291 -30.29 23.92 31.30
C LEU B 291 -30.84 24.80 32.42
N SER B 292 -32.03 25.36 32.23
CA SER B 292 -32.56 26.29 33.22
C SER B 292 -33.23 25.58 34.38
N ARG B 293 -33.35 24.25 34.36
CA ARG B 293 -33.72 23.51 35.55
C ARG B 293 -32.64 23.56 36.62
N GLY B 294 -31.40 23.89 36.23
CA GLY B 294 -30.32 24.10 37.17
C GLY B 294 -30.28 25.53 37.67
N ARG B 295 -29.25 25.82 38.47
CA ARG B 295 -29.10 27.14 39.06
C ARG B 295 -28.47 28.09 38.05
N HIS B 296 -29.16 29.20 37.77
CA HIS B 296 -28.75 30.14 36.73
C HIS B 296 -29.02 31.57 37.20
N HIS B 297 -28.61 32.51 36.38
CA HIS B 297 -28.74 33.95 36.66
C HIS B 297 -30.20 34.40 36.63
N ALA C 1 12.55 20.67 23.22
CA ALA C 1 11.97 20.34 21.92
C ALA C 1 11.75 18.84 21.79
N GLU C 2 10.54 18.44 21.42
CA GLU C 2 10.16 17.04 21.37
C GLU C 2 9.80 16.65 19.95
N GLU C 3 10.33 15.51 19.49
CA GLU C 3 10.01 15.05 18.15
C GLU C 3 8.60 14.47 18.06
N PHE C 4 8.06 13.94 19.16
CA PHE C 4 6.75 13.29 19.16
C PHE C 4 6.01 13.68 20.43
N PRO C 5 4.68 13.80 20.36
CA PRO C 5 3.92 14.27 21.52
C PRO C 5 3.88 13.21 22.62
N VAL C 6 4.17 13.65 23.83
CA VAL C 6 4.21 12.75 25.00
C VAL C 6 2.79 12.54 25.49
N PRO C 7 2.37 11.31 25.79
CA PRO C 7 1.01 11.10 26.29
C PRO C 7 0.78 11.81 27.61
N ASN C 8 -0.48 12.14 27.88
CA ASN C 8 -0.81 12.82 29.12
C ASN C 8 -0.35 11.98 30.31
N GLY C 9 0.33 12.62 31.26
CA GLY C 9 0.82 11.95 32.44
C GLY C 9 2.18 11.28 32.29
N PHE C 10 2.79 11.33 31.11
CA PHE C 10 4.13 10.80 30.93
C PHE C 10 5.13 11.97 30.90
N GLU C 11 6.39 11.66 31.16
CA GLU C 11 7.46 12.65 31.04
C GLU C 11 8.47 12.20 30.00
N SER C 12 9.00 13.16 29.26
CA SER C 12 10.14 12.93 28.37
C SER C 12 11.40 13.32 29.14
N ALA C 13 12.38 12.42 29.17
CA ALA C 13 13.57 12.67 29.97
C ALA C 13 14.78 11.99 29.30
N TYR C 14 15.95 12.18 29.92
CA TYR C 14 17.20 11.62 29.41
C TYR C 14 17.97 11.00 30.56
N ARG C 15 18.70 9.93 30.26
CA ARG C 15 19.62 9.35 31.23
C ARG C 15 20.94 9.05 30.55
N GLU C 16 22.04 9.54 31.12
CA GLU C 16 23.36 9.20 30.62
C GLU C 16 23.71 7.79 31.09
N VAL C 17 24.01 6.90 30.15
CA VAL C 17 24.38 5.52 30.44
C VAL C 17 25.68 5.24 29.69
N ASP C 18 26.75 4.96 30.43
CA ASP C 18 28.07 4.70 29.85
C ASP C 18 28.45 5.77 28.82
N GLY C 19 28.25 7.03 29.20
CA GLY C 19 28.65 8.14 28.37
C GLY C 19 27.71 8.48 27.23
N VAL C 20 26.58 7.79 27.13
CA VAL C 20 25.64 7.98 26.02
C VAL C 20 24.32 8.49 26.60
N LYS C 21 23.86 9.63 26.11
CA LYS C 21 22.62 10.21 26.61
C LYS C 21 21.44 9.56 25.90
N LEU C 22 20.65 8.77 26.62
CA LEU C 22 19.50 8.07 26.07
C LEU C 22 18.23 8.85 26.37
N HIS C 23 17.39 9.03 25.36
CA HIS C 23 16.08 9.63 25.57
C HIS C 23 15.08 8.54 25.90
N TYR C 24 14.12 8.85 26.77
CA TYR C 24 13.06 7.90 27.05
C TYR C 24 11.82 8.68 27.45
N VAL C 25 10.69 7.97 27.42
CA VAL C 25 9.42 8.50 27.89
C VAL C 25 8.90 7.53 28.95
N LYS C 26 8.48 8.07 30.09
CA LYS C 26 8.21 7.22 31.24
C LYS C 26 6.93 7.68 31.93
N GLY C 27 6.16 6.71 32.41
CA GLY C 27 4.97 7.02 33.20
C GLY C 27 4.48 5.79 33.92
N GLY C 28 3.52 5.99 34.81
CA GLY C 28 2.91 4.88 35.52
C GLY C 28 3.58 4.58 36.84
N GLN C 29 3.02 3.55 37.50
CA GLN C 29 3.47 3.08 38.80
C GLN C 29 3.42 1.57 38.82
N GLY C 30 4.29 0.95 39.61
CA GLY C 30 4.32 -0.49 39.72
C GLY C 30 5.57 -1.09 39.13
N PRO C 31 5.58 -2.41 38.91
CA PRO C 31 6.75 -3.06 38.33
C PRO C 31 7.08 -2.49 36.96
N LEU C 32 8.35 -2.52 36.61
CA LEU C 32 8.82 -1.87 35.40
C LEU C 32 8.61 -2.72 34.15
N VAL C 33 8.10 -2.10 33.10
CA VAL C 33 8.08 -2.66 31.75
CA VAL C 33 8.10 -2.67 31.75
C VAL C 33 8.83 -1.72 30.82
N MET C 34 9.78 -2.25 30.07
CA MET C 34 10.51 -1.48 29.08
C MET C 34 10.05 -1.90 27.70
N LEU C 35 9.68 -0.91 26.88
CA LEU C 35 9.22 -1.12 25.50
C LEU C 35 10.30 -0.60 24.56
N VAL C 36 10.76 -1.43 23.63
CA VAL C 36 11.91 -1.10 22.79
C VAL C 36 11.50 -1.15 21.33
N HIS C 37 11.53 0.01 20.67
CA HIS C 37 11.07 0.18 19.29
C HIS C 37 12.09 -0.41 18.32
N GLY C 38 11.74 -0.38 17.05
CA GLY C 38 12.61 -0.88 15.99
C GLY C 38 12.88 0.11 14.86
N PHE C 39 13.25 -0.43 13.69
CA PHE C 39 13.74 0.42 12.62
C PHE C 39 12.64 1.29 12.03
N GLY C 40 13.02 2.52 11.65
CA GLY C 40 12.11 3.46 11.04
C GLY C 40 11.22 4.18 12.03
N GLN C 41 11.33 3.86 13.31
CA GLN C 41 10.42 4.39 14.31
C GLN C 41 11.22 4.83 15.53
N THR C 42 10.49 5.18 16.59
CA THR C 42 11.05 5.67 17.84
C THR C 42 10.17 5.13 18.96
N TRP C 43 10.40 5.63 20.18
CA TRP C 43 9.51 5.31 21.30
C TRP C 43 8.04 5.51 20.93
N TYR C 44 7.75 6.43 20.01
CA TYR C 44 6.39 6.84 19.73
C TYR C 44 5.52 5.70 19.22
N GLU C 45 6.10 4.65 18.64
CA GLU C 45 5.25 3.57 18.17
C GLU C 45 4.47 2.94 19.32
N TRP C 46 4.93 3.11 20.56
CA TRP C 46 4.28 2.56 21.73
C TRP C 46 3.26 3.50 22.37
N HIS C 47 3.01 4.69 21.79
CA HIS C 47 2.30 5.71 22.56
C HIS C 47 0.83 5.36 22.82
N GLN C 48 0.23 4.44 22.07
CA GLN C 48 -1.13 4.02 22.37
C GLN C 48 -1.18 2.92 23.41
N LEU C 49 -0.17 2.05 23.43
CA LEU C 49 -0.09 1.01 24.44
C LEU C 49 0.36 1.55 25.79
N MET C 50 1.17 2.60 25.81
CA MET C 50 1.77 3.06 27.07
C MET C 50 0.74 3.48 28.12
N PRO C 51 -0.29 4.28 27.81
CA PRO C 51 -1.22 4.68 28.89
C PRO C 51 -2.00 3.51 29.46
N GLU C 52 -2.22 2.46 28.68
CA GLU C 52 -2.95 1.30 29.17
C GLU C 52 -2.09 0.50 30.16
N LEU C 53 -0.84 0.22 29.78
CA LEU C 53 0.10 -0.47 30.65
C LEU C 53 0.39 0.33 31.91
N ALA C 54 0.45 1.67 31.80
CA ALA C 54 0.80 2.49 32.94
C ALA C 54 -0.24 2.45 34.05
N LYS C 55 -1.42 1.89 33.80
CA LYS C 55 -2.40 1.69 34.86
C LYS C 55 -1.96 0.59 35.83
N ARG C 56 -1.07 -0.31 35.41
CA ARG C 56 -0.59 -1.39 36.26
C ARG C 56 0.93 -1.45 36.38
N PHE C 57 1.68 -0.73 35.55
CA PHE C 57 3.12 -0.85 35.50
C PHE C 57 3.76 0.53 35.44
N THR C 58 5.02 0.60 35.86
CA THR C 58 5.87 1.71 35.46
C THR C 58 6.39 1.40 34.06
N VAL C 59 6.16 2.31 33.11
CA VAL C 59 6.44 2.06 31.70
C VAL C 59 7.56 3.01 31.25
N ILE C 60 8.59 2.46 30.63
CA ILE C 60 9.66 3.27 30.04
CA ILE C 60 9.65 3.27 30.04
C ILE C 60 9.83 2.85 28.59
N ALA C 61 9.91 3.82 27.70
CA ALA C 61 10.10 3.57 26.27
C ALA C 61 11.29 4.42 25.81
N PRO C 62 12.47 3.83 25.68
CA PRO C 62 13.64 4.58 25.22
C PRO C 62 13.72 4.67 23.70
N ASP C 63 14.45 5.68 23.23
CA ASP C 63 14.91 5.73 21.84
C ASP C 63 16.21 4.95 21.74
N LEU C 64 16.30 4.05 20.75
CA LEU C 64 17.54 3.31 20.55
C LEU C 64 18.72 4.26 20.30
N PRO C 65 19.92 3.89 20.73
CA PRO C 65 21.08 4.76 20.49
C PRO C 65 21.16 5.22 19.04
N GLY C 66 21.30 6.54 18.87
CA GLY C 66 21.40 7.18 17.58
C GLY C 66 20.08 7.50 16.92
N LEU C 67 18.99 6.89 17.36
CA LEU C 67 17.66 7.09 16.80
C LEU C 67 16.82 7.95 17.73
N GLY C 68 15.74 8.53 17.19
CA GLY C 68 14.94 9.46 17.98
C GLY C 68 15.82 10.54 18.59
N GLN C 69 15.70 10.75 19.89
CA GLN C 69 16.48 11.77 20.60
C GLN C 69 17.63 11.18 21.43
N SER C 70 18.04 9.94 21.15
CA SER C 70 19.17 9.32 21.84
C SER C 70 20.47 9.51 21.09
N GLU C 71 21.55 9.75 21.83
CA GLU C 71 22.87 9.84 21.23
C GLU C 71 23.30 8.49 20.68
N PRO C 72 24.16 8.49 19.68
CA PRO C 72 24.70 7.22 19.15
C PRO C 72 25.51 6.48 20.19
N PRO C 73 25.63 5.16 20.06
CA PRO C 73 26.46 4.41 21.00
C PRO C 73 27.92 4.77 20.83
N LYS C 74 28.67 4.64 21.92
CA LYS C 74 30.10 4.88 21.88
C LYS C 74 30.89 3.62 21.61
N THR C 75 30.33 2.45 21.93
CA THR C 75 31.01 1.18 21.70
C THR C 75 30.78 0.70 20.26
N GLY C 76 29.54 0.33 19.96
CA GLY C 76 29.20 -0.06 18.61
C GLY C 76 27.73 -0.40 18.52
N TYR C 77 27.32 -0.93 17.37
CA TYR C 77 25.92 -1.18 17.07
C TYR C 77 25.55 -2.67 17.06
N SER C 78 26.47 -3.57 17.40
CA SER C 78 26.09 -4.97 17.51
C SER C 78 25.11 -5.15 18.67
N GLY C 79 24.38 -6.27 18.63
CA GLY C 79 23.33 -6.47 19.61
C GLY C 79 23.87 -6.52 21.03
N GLU C 80 25.01 -7.19 21.22
CA GLU C 80 25.57 -7.30 22.56
C GLU C 80 26.04 -5.95 23.08
N GLN C 81 26.54 -5.07 22.18
CA GLN C 81 26.98 -3.76 22.61
C GLN C 81 25.80 -2.86 22.96
N VAL C 82 24.78 -2.82 22.10
CA VAL C 82 23.65 -1.94 22.38
C VAL C 82 22.87 -2.44 23.58
N ALA C 83 22.78 -3.76 23.77
CA ALA C 83 22.02 -4.31 24.88
C ALA C 83 22.56 -3.85 26.23
N VAL C 84 23.86 -3.59 26.33
CA VAL C 84 24.40 -3.10 27.60
C VAL C 84 23.71 -1.79 27.99
N TYR C 85 23.56 -0.87 27.04
CA TYR C 85 22.93 0.41 27.35
C TYR C 85 21.50 0.23 27.83
N LEU C 86 20.74 -0.62 27.15
CA LEU C 86 19.33 -0.79 27.51
C LEU C 86 19.18 -1.52 28.84
N HIS C 87 20.04 -2.52 29.10
CA HIS C 87 19.96 -3.23 30.38
C HIS C 87 20.30 -2.29 31.53
N LYS C 88 21.38 -1.51 31.39
CA LYS C 88 21.74 -0.56 32.43
C LYS C 88 20.65 0.48 32.62
N LEU C 89 20.00 0.93 31.54
CA LEU C 89 18.93 1.90 31.68
C LEU C 89 17.77 1.33 32.49
N ALA C 90 17.30 0.14 32.12
CA ALA C 90 16.21 -0.47 32.87
C ALA C 90 16.59 -0.68 34.33
N ARG C 91 17.82 -1.14 34.57
CA ARG C 91 18.21 -1.42 35.95
C ARG C 91 18.35 -0.15 36.79
N GLN C 92 18.48 1.03 36.18
CA GLN C 92 18.46 2.26 36.97
CA GLN C 92 18.47 2.27 36.96
C GLN C 92 17.10 2.50 37.60
N PHE C 93 16.04 2.08 36.93
CA PHE C 93 14.67 2.25 37.41
C PHE C 93 14.13 1.02 38.11
N SER C 94 14.73 -0.15 37.92
CA SER C 94 14.34 -1.37 38.63
C SER C 94 15.60 -2.08 39.11
N PRO C 95 16.31 -1.50 40.08
CA PRO C 95 17.61 -2.07 40.48
C PRO C 95 17.49 -3.34 41.31
N ASP C 96 16.36 -3.57 41.98
CA ASP C 96 16.24 -4.67 42.94
C ASP C 96 15.12 -5.65 42.58
N ARG C 97 14.51 -5.52 41.42
CA ARG C 97 13.43 -6.42 41.01
C ARG C 97 13.55 -6.67 39.52
N PRO C 98 13.12 -7.84 39.05
CA PRO C 98 13.09 -8.06 37.59
C PRO C 98 12.09 -7.13 36.92
N PHE C 99 12.33 -6.86 35.65
CA PHE C 99 11.43 -6.05 34.85
C PHE C 99 10.93 -6.83 33.65
N ASP C 100 9.87 -6.31 33.03
CA ASP C 100 9.34 -6.91 31.81
C ASP C 100 9.91 -6.20 30.58
N LEU C 101 9.98 -6.95 29.47
CA LEU C 101 10.56 -6.43 28.25
C LEU C 101 9.65 -6.71 27.08
N VAL C 102 9.36 -5.69 26.28
CA VAL C 102 8.62 -5.79 25.03
C VAL C 102 9.48 -5.17 23.94
N ALA C 103 9.73 -5.91 22.85
CA ALA C 103 10.59 -5.37 21.81
C ALA C 103 10.04 -5.74 20.44
N HIS C 104 10.24 -4.81 19.49
CA HIS C 104 9.74 -4.90 18.13
C HIS C 104 10.89 -4.67 17.16
N SER C 105 10.96 -5.47 16.10
CA SER C 105 11.90 -5.19 15.01
C SER C 105 13.33 -5.25 15.58
N ILE C 106 14.21 -4.32 15.23
CA ILE C 106 15.59 -4.40 15.72
C ILE C 106 15.69 -4.15 17.22
N GLY C 107 14.60 -3.75 17.88
CA GLY C 107 14.56 -3.82 19.34
C GLY C 107 14.87 -5.21 19.87
N ILE C 108 14.46 -6.24 19.11
CA ILE C 108 14.82 -7.62 19.47
C ILE C 108 16.33 -7.82 19.39
N TRP C 109 16.95 -7.37 18.28
CA TRP C 109 18.38 -7.54 18.12
C TRP C 109 19.14 -6.89 19.28
N ASN C 110 18.64 -5.75 19.73
CA ASN C 110 19.34 -4.93 20.71
C ASN C 110 18.99 -5.28 22.15
N THR C 111 18.18 -6.32 22.36
CA THR C 111 17.85 -6.73 23.73
C THR C 111 18.14 -8.20 23.98
N TYR C 112 18.06 -9.06 22.95
CA TYR C 112 18.29 -10.49 23.20
C TYR C 112 19.56 -10.77 24.01
N PRO C 113 20.73 -10.18 23.70
CA PRO C 113 21.92 -10.52 24.49
C PRO C 113 21.79 -10.21 25.97
N MET C 114 21.13 -9.11 26.33
CA MET C 114 21.05 -8.82 27.75
C MET C 114 19.99 -9.67 28.44
N VAL C 115 19.01 -10.18 27.69
CA VAL C 115 18.07 -11.14 28.27
C VAL C 115 18.76 -12.45 28.60
N VAL C 116 19.54 -13.00 27.66
CA VAL C 116 20.12 -14.31 27.90
C VAL C 116 21.26 -14.23 28.91
N LYS C 117 21.95 -13.09 29.00
CA LYS C 117 23.04 -12.95 29.97
C LYS C 117 22.58 -12.53 31.36
N ASN C 118 21.35 -12.06 31.51
CA ASN C 118 20.83 -11.56 32.78
C ASN C 118 19.41 -12.08 33.00
N GLN C 119 19.23 -13.41 32.89
CA GLN C 119 17.87 -13.94 32.85
C GLN C 119 17.08 -13.62 34.12
N ALA C 120 17.75 -13.55 35.28
CA ALA C 120 17.05 -13.27 36.53
C ALA C 120 16.48 -11.85 36.56
N ASP C 121 16.98 -10.95 35.71
CA ASP C 121 16.48 -9.58 35.65
C ASP C 121 15.22 -9.45 34.80
N ILE C 122 14.85 -10.47 34.02
CA ILE C 122 13.75 -10.37 33.05
C ILE C 122 12.61 -11.25 33.56
N ALA C 123 11.53 -10.62 34.03
CA ALA C 123 10.40 -11.39 34.53
C ALA C 123 9.64 -12.04 33.39
N ARG C 124 9.24 -11.26 32.38
CA ARG C 124 8.43 -11.72 31.26
C ARG C 124 8.87 -10.97 30.00
N LEU C 125 8.77 -11.65 28.86
CA LEU C 125 9.37 -11.18 27.62
C LEU C 125 8.35 -11.28 26.49
N VAL C 126 8.25 -10.21 25.69
CA VAL C 126 7.40 -10.18 24.49
C VAL C 126 8.25 -9.70 23.32
N TYR C 127 8.39 -10.54 22.30
CA TYR C 127 9.11 -10.21 21.08
C TYR C 127 8.15 -10.23 19.91
N MET C 128 8.25 -9.23 19.03
CA MET C 128 7.37 -9.18 17.88
C MET C 128 8.11 -8.72 16.64
N GLU C 129 7.85 -9.40 15.52
CA GLU C 129 8.14 -8.88 14.19
C GLU C 129 9.62 -8.56 13.98
N ALA C 130 10.46 -9.58 14.14
CA ALA C 130 11.81 -9.61 13.59
C ALA C 130 12.48 -10.91 13.98
N PRO C 131 13.39 -11.41 13.15
CA PRO C 131 14.18 -12.56 13.57
C PRO C 131 15.22 -12.15 14.62
N ILE C 132 15.39 -13.01 15.61
CA ILE C 132 16.63 -12.92 16.39
C ILE C 132 17.80 -13.17 15.45
N PRO C 133 18.86 -12.38 15.49
CA PRO C 133 19.95 -12.62 14.53
C PRO C 133 20.61 -13.97 14.74
N ASP C 134 20.45 -14.85 13.75
CA ASP C 134 21.14 -16.14 13.72
C ASP C 134 21.20 -16.60 12.27
N ALA C 135 21.67 -17.83 12.04
CA ALA C 135 21.90 -18.30 10.68
C ALA C 135 20.61 -18.42 9.87
N ARG C 136 19.44 -18.38 10.51
CA ARG C 136 18.19 -18.44 9.76
C ARG C 136 18.01 -17.22 8.86
N ILE C 137 18.63 -16.08 9.20
CA ILE C 137 18.45 -14.90 8.37
C ILE C 137 19.06 -15.08 7.00
N TYR C 138 19.98 -16.03 6.84
CA TYR C 138 20.60 -16.29 5.55
C TYR C 138 19.73 -17.15 4.64
N ARG C 139 18.59 -17.64 5.14
CA ARG C 139 17.71 -18.46 4.33
C ARG C 139 16.55 -17.70 3.73
N PHE C 140 16.37 -16.43 4.12
CA PHE C 140 15.32 -15.62 3.51
C PHE C 140 15.67 -15.32 2.04
N PRO C 141 14.68 -15.26 1.16
CA PRO C 141 14.97 -15.03 -0.26
C PRO C 141 15.15 -13.56 -0.60
N ALA C 142 15.98 -13.31 -1.62
CA ALA C 142 16.18 -11.98 -2.16
C ALA C 142 14.98 -11.48 -2.97
N PHE C 143 14.15 -12.38 -3.47
CA PHE C 143 13.11 -12.04 -4.42
C PHE C 143 12.03 -13.12 -4.33
N THR C 144 10.77 -12.73 -4.47
CA THR C 144 9.67 -13.69 -4.35
C THR C 144 8.79 -13.61 -5.58
N ALA C 145 7.98 -14.65 -5.76
CA ALA C 145 7.05 -14.69 -6.88
C ALA C 145 5.99 -13.60 -6.78
N GLN C 146 5.90 -12.89 -5.66
CA GLN C 146 5.02 -11.74 -5.50
C GLN C 146 5.73 -10.42 -5.79
N GLY C 147 7.05 -10.36 -5.60
CA GLY C 147 7.81 -9.14 -5.77
C GLY C 147 8.89 -8.98 -4.71
N GLU C 148 9.05 -7.79 -4.15
CA GLU C 148 10.16 -7.59 -3.23
C GLU C 148 9.94 -8.44 -1.97
N SER C 149 11.05 -8.93 -1.42
CA SER C 149 11.01 -9.89 -0.33
C SER C 149 10.93 -9.17 1.01
N LEU C 150 10.82 -9.94 2.09
CA LEU C 150 10.69 -9.32 3.41
C LEU C 150 11.99 -8.63 3.83
N VAL C 151 13.16 -9.18 3.50
CA VAL C 151 14.36 -8.63 4.14
C VAL C 151 15.50 -8.40 3.16
N TRP C 152 15.18 -8.13 1.89
CA TRP C 152 16.23 -7.66 0.99
C TRP C 152 16.90 -6.39 1.51
N HIS C 153 16.19 -5.60 2.34
CA HIS C 153 16.79 -4.39 2.87
C HIS C 153 17.97 -4.69 3.79
N PHE C 154 18.08 -5.90 4.34
CA PHE C 154 19.28 -6.26 5.10
C PHE C 154 20.52 -6.00 4.27
N SER C 155 20.50 -6.44 3.00
CA SER C 155 21.65 -6.23 2.13
C SER C 155 21.81 -4.76 1.77
N PHE C 156 20.72 -4.11 1.39
CA PHE C 156 20.75 -2.69 1.06
C PHE C 156 21.40 -1.88 2.19
N PHE C 157 20.90 -2.09 3.40
CA PHE C 157 21.32 -1.28 4.55
C PHE C 157 22.73 -1.64 5.02
N ALA C 158 23.13 -2.91 4.88
CA ALA C 158 24.47 -3.32 5.30
C ALA C 158 25.54 -3.04 4.25
N ALA C 159 25.16 -2.65 3.04
CA ALA C 159 26.13 -2.46 1.96
C ALA C 159 27.18 -1.40 2.34
N ASP C 160 28.40 -1.60 1.85
CA ASP C 160 29.54 -0.72 2.09
CA ASP C 160 29.46 -0.67 2.21
C ASP C 160 29.32 0.63 1.39
N ASP C 161 30.30 1.52 1.55
CA ASP C 161 30.34 2.82 0.87
C ASP C 161 29.18 3.71 1.25
N ARG C 162 28.54 3.43 2.40
CA ARG C 162 27.38 4.20 2.83
C ARG C 162 26.34 4.28 1.71
N LEU C 163 26.13 3.14 1.05
CA LEU C 163 25.23 3.13 -0.11
C LEU C 163 23.84 3.65 0.26
N ALA C 164 23.24 3.10 1.32
CA ALA C 164 21.86 3.45 1.65
C ALA C 164 21.74 4.90 2.07
N GLU C 165 22.63 5.36 2.95
CA GLU C 165 22.61 6.76 3.38
CA GLU C 165 22.58 6.77 3.37
C GLU C 165 22.76 7.71 2.20
N THR C 166 23.67 7.37 1.27
CA THR C 166 23.95 8.28 0.17
C THR C 166 22.75 8.38 -0.76
N LEU C 167 22.06 7.26 -0.99
CA LEU C 167 20.89 7.27 -1.86
C LEU C 167 19.67 7.88 -1.18
N ILE C 168 19.52 7.67 0.13
CA ILE C 168 18.30 8.10 0.79
C ILE C 168 18.36 9.54 1.31
N ALA C 169 19.56 10.09 1.52
CA ALA C 169 19.67 11.48 1.98
C ALA C 169 18.94 12.42 1.02
N GLY C 170 18.14 13.32 1.58
CA GLY C 170 17.30 14.19 0.77
C GLY C 170 16.01 13.54 0.29
N LYS C 171 15.84 12.24 0.47
CA LYS C 171 14.64 11.51 0.07
C LYS C 171 14.11 10.66 1.24
N GLU C 172 14.37 11.10 2.47
CA GLU C 172 14.05 10.28 3.63
C GLU C 172 12.55 10.09 3.79
N ARG C 173 11.77 11.15 3.57
CA ARG C 173 10.32 11.07 3.74
C ARG C 173 9.70 10.14 2.70
N PHE C 174 10.16 10.26 1.44
CA PHE C 174 9.71 9.34 0.40
C PHE C 174 10.07 7.90 0.74
N PHE C 175 11.32 7.66 1.15
CA PHE C 175 11.74 6.29 1.37
C PHE C 175 10.98 5.65 2.53
N LEU C 176 10.81 6.39 3.62
CA LEU C 176 10.17 5.79 4.79
C LEU C 176 8.73 5.44 4.48
N GLU C 177 8.02 6.29 3.72
CA GLU C 177 6.65 5.93 3.37
C GLU C 177 6.61 4.65 2.56
N HIS C 178 7.51 4.51 1.57
CA HIS C 178 7.54 3.26 0.82
C HIS C 178 7.91 2.08 1.69
N PHE C 179 8.95 2.23 2.51
CA PHE C 179 9.39 1.09 3.32
C PHE C 179 8.29 0.65 4.27
N ILE C 180 7.67 1.60 4.97
CA ILE C 180 6.65 1.24 5.94
C ILE C 180 5.46 0.59 5.22
N LYS C 181 4.93 1.27 4.20
CA LYS C 181 3.73 0.73 3.56
C LYS C 181 3.99 -0.59 2.86
N SER C 182 5.19 -0.78 2.28
CA SER C 182 5.48 -2.05 1.62
C SER C 182 5.56 -3.21 2.61
N HIS C 183 5.77 -2.93 3.90
CA HIS C 183 5.79 -3.93 4.95
C HIS C 183 4.50 -3.96 5.76
N ALA C 184 3.41 -3.39 5.24
CA ALA C 184 2.18 -3.27 6.01
C ALA C 184 1.04 -3.98 5.28
N SER C 185 0.07 -4.44 6.07
CA SER C 185 -1.20 -4.91 5.57
C SER C 185 -2.26 -3.82 5.64
N ASN C 186 -2.38 -3.20 6.81
CA ASN C 186 -3.28 -2.08 7.03
C ASN C 186 -2.49 -0.79 6.82
N THR C 187 -2.29 -0.43 5.54
CA THR C 187 -1.46 0.72 5.25
C THR C 187 -2.11 2.02 5.69
N GLU C 188 -3.43 2.03 5.84
CA GLU C 188 -4.19 3.26 6.00
C GLU C 188 -3.88 3.97 7.31
N VAL C 189 -3.28 3.29 8.29
CA VAL C 189 -2.96 3.93 9.56
C VAL C 189 -1.76 4.86 9.44
N PHE C 190 -0.98 4.74 8.37
CA PHE C 190 0.17 5.60 8.17
C PHE C 190 -0.24 6.82 7.36
N SER C 191 -0.94 7.72 8.05
CA SER C 191 -1.30 9.01 7.49
C SER C 191 -0.05 9.80 7.11
N GLU C 192 -0.25 10.76 6.20
CA GLU C 192 0.86 11.64 5.84
C GLU C 192 1.38 12.37 7.07
N ARG C 193 0.51 12.72 8.01
CA ARG C 193 0.94 13.42 9.22
C ARG C 193 1.84 12.54 10.08
N LEU C 194 1.47 11.27 10.27
CA LEU C 194 2.29 10.36 11.05
C LEU C 194 3.62 10.09 10.36
N LEU C 195 3.59 9.88 9.04
CA LEU C 195 4.83 9.67 8.30
C LEU C 195 5.75 10.89 8.39
N ASP C 196 5.16 12.11 8.36
CA ASP C 196 5.97 13.31 8.54
C ASP C 196 6.74 13.26 9.86
N LEU C 197 6.07 12.86 10.95
CA LEU C 197 6.74 12.82 12.25
C LEU C 197 7.89 11.82 12.24
N TYR C 198 7.64 10.60 11.79
CA TYR C 198 8.71 9.60 11.76
C TYR C 198 9.84 10.02 10.83
N ALA C 199 9.51 10.59 9.66
CA ALA C 199 10.56 10.93 8.71
C ALA C 199 11.45 12.04 9.25
N ARG C 200 10.87 13.04 9.91
CA ARG C 200 11.67 14.14 10.43
C ARG C 200 12.69 13.63 11.43
N SER C 201 12.35 12.59 12.19
CA SER C 201 13.27 12.09 13.21
C SER C 201 14.42 11.32 12.57
N TYR C 202 14.12 10.36 11.69
CA TYR C 202 15.22 9.57 11.16
C TYR C 202 15.97 10.26 10.03
N ALA C 203 15.50 11.42 9.57
CA ALA C 203 16.26 12.21 8.60
C ALA C 203 17.37 13.02 9.24
N LYS C 204 17.40 13.16 10.57
CA LYS C 204 18.59 13.73 11.20
C LYS C 204 19.81 12.94 10.70
N PRO C 205 20.82 13.61 10.16
CA PRO C 205 21.93 12.88 9.54
C PRO C 205 22.53 11.78 10.40
N HIS C 206 22.75 12.04 11.70
CA HIS C 206 23.30 10.98 12.55
C HIS C 206 22.29 9.86 12.79
N SER C 207 21.00 10.14 12.70
CA SER C 207 20.00 9.09 12.86
C SER C 207 19.86 8.24 11.61
N LEU C 208 19.94 8.87 10.43
CA LEU C 208 19.94 8.09 9.20
C LEU C 208 21.11 7.12 9.17
N ASN C 209 22.30 7.61 9.55
CA ASN C 209 23.47 6.72 9.60
C ASN C 209 23.32 5.66 10.68
N ALA C 210 22.86 6.04 11.88
CA ALA C 210 22.67 5.07 12.95
C ALA C 210 21.73 3.94 12.54
N SER C 211 20.64 4.30 11.83
CA SER C 211 19.67 3.31 11.38
C SER C 211 20.35 2.17 10.64
N PHE C 212 21.29 2.50 9.76
CA PHE C 212 21.90 1.48 8.93
C PHE C 212 23.08 0.80 9.60
N GLU C 213 23.70 1.45 10.59
CA GLU C 213 24.78 0.80 11.31
C GLU C 213 24.29 -0.44 12.06
N TYR C 214 23.03 -0.43 12.52
CA TYR C 214 22.48 -1.64 13.12
C TYR C 214 22.54 -2.82 12.14
N TYR C 215 22.27 -2.55 10.85
CA TYR C 215 22.33 -3.61 9.85
C TYR C 215 23.77 -3.94 9.46
N ARG C 216 24.65 -2.95 9.47
CA ARG C 216 26.07 -3.21 9.22
C ARG C 216 26.69 -4.06 10.32
N ALA C 217 26.09 -4.10 11.50
CA ALA C 217 26.55 -4.93 12.60
C ALA C 217 25.80 -6.25 12.68
N LEU C 218 24.86 -6.51 11.77
CA LEU C 218 24.00 -7.67 11.93
C LEU C 218 24.79 -8.97 11.90
N ASN C 219 25.78 -9.09 11.01
CA ASN C 219 26.54 -10.33 10.96
C ASN C 219 27.36 -10.52 12.22
N GLU C 220 27.88 -9.44 12.80
CA GLU C 220 28.51 -9.54 14.12
C GLU C 220 27.51 -10.03 15.16
N SER C 221 26.29 -9.50 15.13
CA SER C 221 25.27 -9.94 16.08
C SER C 221 24.97 -11.42 15.92
N VAL C 222 24.88 -11.89 14.67
CA VAL C 222 24.72 -13.33 14.43
C VAL C 222 25.83 -14.11 15.12
N ARG C 223 27.08 -13.69 14.91
CA ARG C 223 28.21 -14.42 15.49
C ARG C 223 28.18 -14.38 17.00
N GLN C 224 27.75 -13.26 17.60
CA GLN C 224 27.60 -13.18 19.05
C GLN C 224 26.55 -14.14 19.55
N ASN C 225 25.39 -14.17 18.89
CA ASN C 225 24.28 -14.98 19.37
C ASN C 225 24.54 -16.47 19.20
N ALA C 226 25.43 -16.85 18.27
CA ALA C 226 25.80 -18.25 18.15
C ALA C 226 26.39 -18.79 19.45
N GLU C 227 27.08 -17.93 20.20
CA GLU C 227 27.62 -18.34 21.50
C GLU C 227 26.56 -18.22 22.60
N LEU C 228 25.80 -17.12 22.60
CA LEU C 228 24.85 -16.89 23.68
C LEU C 228 23.72 -17.92 23.67
N ALA C 229 23.29 -18.36 22.49
CA ALA C 229 22.10 -19.21 22.41
C ALA C 229 22.34 -20.62 22.90
N LYS C 230 23.52 -20.94 23.42
CA LYS C 230 23.74 -22.23 24.04
C LYS C 230 22.97 -22.39 25.34
N THR C 231 22.38 -21.31 25.86
CA THR C 231 21.51 -21.36 27.03
C THR C 231 20.12 -20.89 26.62
N ARG C 232 19.12 -21.77 26.75
CA ARG C 232 17.75 -21.38 26.41
C ARG C 232 17.20 -20.44 27.46
N LEU C 233 16.28 -19.58 27.03
CA LEU C 233 15.61 -18.65 27.92
C LEU C 233 14.58 -19.39 28.76
N GLN C 234 14.51 -19.06 30.06
CA GLN C 234 13.67 -19.77 31.01
C GLN C 234 12.44 -19.00 31.46
N MET C 235 12.34 -17.72 31.16
CA MET C 235 11.21 -16.94 31.64
C MET C 235 10.05 -17.02 30.67
N PRO C 236 8.83 -16.71 31.12
CA PRO C 236 7.67 -16.75 30.21
C PRO C 236 7.87 -15.79 29.06
N THR C 237 7.64 -16.27 27.84
CA THR C 237 7.83 -15.51 26.61
CA THR C 237 7.79 -15.45 26.65
C THR C 237 6.58 -15.61 25.74
N MET C 238 6.29 -14.53 25.02
CA MET C 238 5.24 -14.50 24.02
C MET C 238 5.81 -13.87 22.76
N THR C 239 5.48 -14.44 21.60
CA THR C 239 5.84 -13.83 20.33
C THR C 239 4.56 -13.39 19.62
N LEU C 240 4.63 -12.24 18.96
CA LEU C 240 3.58 -11.82 18.05
C LEU C 240 4.15 -11.59 16.66
N ALA C 241 3.33 -11.84 15.66
CA ALA C 241 3.73 -11.64 14.27
C ALA C 241 2.50 -11.29 13.47
N GLY C 242 2.70 -10.51 12.41
CA GLY C 242 1.60 -10.25 11.48
C GLY C 242 1.41 -11.42 10.52
N GLY C 243 0.15 -11.73 10.24
CA GLY C 243 -0.17 -12.75 9.26
C GLY C 243 -0.48 -12.19 7.89
N GLY C 244 -0.58 -10.86 7.81
CA GLY C 244 -0.86 -10.16 6.57
C GLY C 244 0.41 -9.78 5.82
N HIS C 245 0.22 -9.05 4.73
CA HIS C 245 1.33 -8.59 3.91
C HIS C 245 2.40 -7.92 4.76
N GLY C 246 3.65 -8.36 4.59
CA GLY C 246 4.76 -7.77 5.30
C GLY C 246 5.05 -8.37 6.66
N GLY C 247 4.23 -9.30 7.13
CA GLY C 247 4.44 -9.88 8.44
C GLY C 247 5.35 -11.09 8.40
N MET C 248 5.89 -11.45 9.58
CA MET C 248 6.76 -12.60 9.70
C MET C 248 6.01 -13.92 9.73
N GLY C 249 4.71 -13.91 10.00
CA GLY C 249 3.93 -15.14 9.98
C GLY C 249 4.42 -16.14 11.02
N THR C 250 4.42 -17.42 10.64
CA THR C 250 4.79 -18.47 11.59
C THR C 250 6.27 -18.46 11.94
N PHE C 251 7.10 -17.71 11.22
CA PHE C 251 8.53 -17.74 11.49
C PHE C 251 8.84 -17.30 12.91
N GLN C 252 8.09 -16.30 13.41
CA GLN C 252 8.43 -15.69 14.69
C GLN C 252 8.40 -16.72 15.81
N LEU C 253 7.29 -17.46 15.92
CA LEU C 253 7.18 -18.46 16.97
C LEU C 253 8.11 -19.63 16.72
N GLU C 254 8.21 -20.08 15.47
CA GLU C 254 9.03 -21.25 15.17
C GLU C 254 10.50 -21.01 15.53
N GLN C 255 11.02 -19.81 15.25
CA GLN C 255 12.38 -19.50 15.68
C GLN C 255 12.47 -19.44 17.20
N MET C 256 11.50 -18.77 17.84
CA MET C 256 11.60 -18.58 19.29
C MET C 256 11.58 -19.91 20.04
N LYS C 257 10.89 -20.93 19.49
CA LYS C 257 10.88 -22.24 20.14
C LYS C 257 12.29 -22.80 20.29
N ALA C 258 13.22 -22.42 19.42
CA ALA C 258 14.59 -22.87 19.59
C ALA C 258 15.31 -22.10 20.68
N TYR C 259 14.76 -20.96 21.11
CA TYR C 259 15.42 -20.09 22.08
C TYR C 259 14.82 -20.13 23.47
N ALA C 260 13.56 -20.54 23.61
CA ALA C 260 12.84 -20.36 24.86
C ALA C 260 12.14 -21.65 25.25
N GLU C 261 12.14 -21.93 26.56
CA GLU C 261 11.46 -23.11 27.07
C GLU C 261 9.96 -22.90 27.18
N ASP C 262 9.54 -21.68 27.49
CA ASP C 262 8.16 -21.34 27.82
C ASP C 262 7.74 -20.23 26.84
N VAL C 263 7.13 -20.61 25.72
CA VAL C 263 6.79 -19.62 24.70
C VAL C 263 5.40 -19.90 24.14
N GLU C 264 4.60 -18.85 24.03
CA GLU C 264 3.34 -18.91 23.30
C GLU C 264 3.40 -17.89 22.18
N GLY C 265 2.82 -18.23 21.04
CA GLY C 265 2.91 -17.37 19.88
C GLY C 265 1.53 -17.06 19.32
N HIS C 266 1.44 -15.89 18.70
CA HIS C 266 0.23 -15.47 18.00
C HIS C 266 0.61 -14.87 16.66
N VAL C 267 -0.18 -15.20 15.65
CA VAL C 267 -0.11 -14.57 14.34
C VAL C 267 -1.39 -13.78 14.16
N LEU C 268 -1.26 -12.48 13.91
CA LEU C 268 -2.42 -11.59 13.87
C LEU C 268 -2.89 -11.41 12.43
N PRO C 269 -4.07 -11.89 12.06
CA PRO C 269 -4.51 -11.77 10.67
C PRO C 269 -4.78 -10.33 10.26
N GLY C 270 -4.51 -10.04 9.00
CA GLY C 270 -4.78 -8.71 8.48
C GLY C 270 -3.83 -7.64 8.99
N CYS C 271 -2.69 -8.05 9.54
CA CYS C 271 -1.68 -7.17 10.10
C CYS C 271 -0.33 -7.54 9.51
N GLY C 272 0.45 -6.53 9.14
CA GLY C 272 1.81 -6.77 8.67
C GLY C 272 2.87 -6.58 9.74
N HIS C 273 3.91 -5.82 9.37
CA HIS C 273 5.06 -5.66 10.26
C HIS C 273 4.78 -4.75 11.44
N TRP C 274 3.91 -3.75 11.26
CA TRP C 274 3.85 -2.63 12.21
C TRP C 274 2.68 -2.82 13.17
N LEU C 275 2.81 -3.86 14.01
CA LEU C 275 1.67 -4.30 14.82
C LEU C 275 1.09 -3.21 15.71
N PRO C 276 1.90 -2.43 16.45
CA PRO C 276 1.29 -1.43 17.35
C PRO C 276 0.37 -0.45 16.66
N GLU C 277 0.63 -0.13 15.40
CA GLU C 277 -0.16 0.84 14.66
C GLU C 277 -1.20 0.19 13.77
N GLU C 278 -0.85 -0.91 13.09
CA GLU C 278 -1.80 -1.55 12.18
C GLU C 278 -2.90 -2.27 12.94
N CYS C 279 -2.58 -2.80 14.11
CA CYS C 279 -3.49 -3.69 14.82
C CYS C 279 -3.40 -3.41 16.33
N ALA C 280 -3.63 -2.13 16.67
CA ALA C 280 -3.48 -1.67 18.05
C ALA C 280 -4.37 -2.43 19.02
N ALA C 281 -5.65 -2.62 18.68
CA ALA C 281 -6.57 -3.24 19.64
C ALA C 281 -6.17 -4.67 19.97
N PRO C 282 -6.00 -5.58 19.00
CA PRO C 282 -5.62 -6.95 19.40
C PRO C 282 -4.21 -7.03 19.95
N MET C 283 -3.26 -6.27 19.41
CA MET C 283 -1.90 -6.35 19.93
C MET C 283 -1.83 -5.86 21.37
N ASN C 284 -2.42 -4.70 21.64
CA ASN C 284 -2.40 -4.17 23.01
C ASN C 284 -3.04 -5.15 23.98
N ARG C 285 -4.17 -5.75 23.58
CA ARG C 285 -4.84 -6.70 24.48
C ARG C 285 -3.95 -7.89 24.76
N LEU C 286 -3.30 -8.42 23.74
CA LEU C 286 -2.42 -9.57 23.94
C LEU C 286 -1.27 -9.23 24.89
N VAL C 287 -0.68 -8.05 24.72
CA VAL C 287 0.47 -7.69 25.55
C VAL C 287 0.02 -7.43 26.98
N ILE C 288 -1.06 -6.66 27.15
CA ILE C 288 -1.53 -6.35 28.51
C ILE C 288 -1.89 -7.62 29.27
N ASP C 289 -2.61 -8.53 28.62
CA ASP C 289 -3.01 -9.77 29.28
C ASP C 289 -1.80 -10.62 29.65
N PHE C 290 -0.83 -10.72 28.74
CA PHE C 290 0.31 -11.59 28.98
C PHE C 290 1.17 -11.06 30.14
N LEU C 291 1.40 -9.75 30.18
CA LEU C 291 2.17 -9.18 31.26
C LEU C 291 1.38 -9.15 32.56
N SER C 292 0.06 -9.07 32.50
CA SER C 292 -0.72 -9.04 33.72
C SER C 292 -0.89 -10.42 34.35
N ARG C 293 -0.37 -11.48 33.73
CA ARG C 293 -0.27 -12.75 34.44
C ARG C 293 0.71 -12.67 35.60
N GLY C 294 1.71 -11.80 35.49
CA GLY C 294 2.68 -11.59 36.55
C GLY C 294 2.25 -10.52 37.54
N ALA D 1 26.12 12.85 -32.24
CA ALA D 1 26.90 12.45 -31.07
C ALA D 1 26.63 10.99 -30.71
N GLU D 2 27.62 10.34 -30.13
CA GLU D 2 27.54 8.96 -29.71
C GLU D 2 27.82 8.88 -28.21
N GLU D 3 27.10 7.99 -27.52
CA GLU D 3 27.37 7.81 -26.10
C GLU D 3 28.69 7.10 -25.86
N PHE D 4 29.13 6.27 -26.81
CA PHE D 4 30.33 5.45 -26.65
C PHE D 4 31.11 5.44 -27.96
N PRO D 5 32.44 5.36 -27.88
CA PRO D 5 33.26 5.36 -29.11
C PRO D 5 33.02 4.12 -29.96
N VAL D 6 32.80 4.33 -31.26
CA VAL D 6 32.55 3.24 -32.19
C VAL D 6 33.89 2.72 -32.72
N PRO D 7 34.14 1.40 -32.66
CA PRO D 7 35.40 0.88 -33.20
C PRO D 7 35.54 1.17 -34.68
N ASN D 8 36.80 1.31 -35.13
CA ASN D 8 37.05 1.57 -36.54
CA ASN D 8 37.04 1.58 -36.53
C ASN D 8 36.51 0.44 -37.39
N GLY D 9 35.88 0.80 -38.51
CA GLY D 9 35.27 -0.18 -39.39
C GLY D 9 33.85 -0.55 -39.03
N PHE D 10 33.33 -0.05 -37.91
CA PHE D 10 31.95 -0.30 -37.54
C PHE D 10 31.11 0.94 -37.79
N GLU D 11 29.81 0.73 -37.95
CA GLU D 11 28.86 1.82 -38.14
C GLU D 11 27.87 1.83 -36.97
N SER D 12 27.50 3.03 -36.55
CA SER D 12 26.39 3.22 -35.62
C SER D 12 25.16 3.61 -36.43
N ALA D 13 24.06 2.90 -36.24
CA ALA D 13 22.89 3.10 -37.09
C ALA D 13 21.63 2.75 -36.31
N TYR D 14 20.48 2.93 -36.96
CA TYR D 14 19.19 2.72 -36.34
C TYR D 14 18.26 1.99 -37.31
N ARG D 15 17.35 1.20 -36.75
CA ARG D 15 16.30 0.56 -37.54
C ARG D 15 15.01 0.60 -36.75
N GLU D 16 13.90 0.83 -37.45
CA GLU D 16 12.57 0.69 -36.85
C GLU D 16 12.20 -0.77 -36.80
N VAL D 17 11.77 -1.24 -35.64
CA VAL D 17 11.24 -2.58 -35.47
C VAL D 17 9.92 -2.45 -34.72
N ASP D 18 8.82 -2.82 -35.37
CA ASP D 18 7.49 -2.71 -34.76
C ASP D 18 7.29 -1.33 -34.14
N GLY D 19 7.71 -0.30 -34.88
CA GLY D 19 7.51 1.07 -34.48
C GLY D 19 8.46 1.60 -33.43
N VAL D 20 9.48 0.84 -33.07
CA VAL D 20 10.44 1.24 -32.04
C VAL D 20 11.80 1.43 -32.72
N LYS D 21 12.42 2.59 -32.51
CA LYS D 21 13.69 2.88 -33.17
C LYS D 21 14.83 2.30 -32.34
N LEU D 22 15.47 1.25 -32.84
CA LEU D 22 16.55 0.58 -32.14
C LEU D 22 17.90 1.05 -32.65
N HIS D 23 18.81 1.34 -31.72
CA HIS D 23 20.19 1.66 -32.04
C HIS D 23 21.02 0.39 -32.05
N TYR D 24 22.01 0.34 -32.94
CA TYR D 24 22.95 -0.77 -32.93
C TYR D 24 24.28 -0.32 -33.53
N VAL D 25 25.31 -1.12 -33.28
CA VAL D 25 26.60 -0.94 -33.91
C VAL D 25 26.91 -2.21 -34.68
N LYS D 26 27.36 -2.06 -35.92
CA LYS D 26 27.45 -3.16 -36.86
C LYS D 26 28.74 -3.12 -37.65
N GLY D 27 29.37 -4.28 -37.82
CA GLY D 27 30.55 -4.37 -38.68
C GLY D 27 30.82 -5.81 -39.05
N GLY D 28 31.74 -5.98 -39.99
CA GLY D 28 32.20 -7.31 -40.38
C GLY D 28 31.47 -7.85 -41.59
N GLN D 29 31.83 -9.08 -41.94
CA GLN D 29 31.24 -9.80 -43.06
C GLN D 29 31.12 -11.26 -42.70
N GLY D 30 30.13 -11.93 -43.30
CA GLY D 30 29.87 -13.32 -43.05
C GLY D 30 28.57 -13.53 -42.29
N PRO D 31 28.34 -14.73 -41.77
CA PRO D 31 27.11 -14.99 -41.01
C PRO D 31 26.97 -14.03 -39.84
N LEU D 32 25.73 -13.81 -39.43
CA LEU D 32 25.43 -12.81 -38.39
C LEU D 32 25.63 -13.38 -37.00
N VAL D 33 26.28 -12.59 -36.14
CA VAL D 33 26.27 -12.81 -34.69
C VAL D 33 25.66 -11.57 -34.05
N MET D 34 24.62 -11.77 -33.24
CA MET D 34 24.04 -10.69 -32.46
C MET D 34 24.53 -10.79 -31.02
N LEU D 35 25.05 -9.68 -30.50
CA LEU D 35 25.58 -9.59 -29.14
C LEU D 35 24.64 -8.68 -28.35
N VAL D 36 24.09 -9.20 -27.24
CA VAL D 36 23.06 -8.47 -26.48
C VAL D 36 23.56 -8.23 -25.06
N HIS D 37 23.71 -6.95 -24.71
CA HIS D 37 24.20 -6.49 -23.41
C HIS D 37 23.14 -6.65 -22.33
N GLY D 38 23.53 -6.33 -21.09
CA GLY D 38 22.63 -6.42 -19.96
C GLY D 38 22.60 -5.13 -19.14
N PHE D 39 22.23 -5.29 -17.87
CA PHE D 39 21.94 -4.14 -17.04
C PHE D 39 23.20 -3.33 -16.72
N GLY D 40 23.02 -2.00 -16.67
CA GLY D 40 24.07 -1.08 -16.36
C GLY D 40 24.99 -0.78 -17.51
N GLN D 41 24.77 -1.40 -18.66
CA GLN D 41 25.70 -1.32 -19.77
C GLN D 41 24.90 -1.07 -21.05
N THR D 42 25.60 -1.13 -22.17
CA THR D 42 25.05 -0.86 -23.50
C THR D 42 25.78 -1.77 -24.47
N TRP D 43 25.52 -1.58 -25.76
CA TRP D 43 26.30 -2.27 -26.80
C TRP D 43 27.80 -2.22 -26.52
N TYR D 44 28.27 -1.14 -25.88
CA TYR D 44 29.70 -0.90 -25.74
C TYR D 44 30.42 -1.97 -24.91
N GLU D 45 29.71 -2.75 -24.09
CA GLU D 45 30.43 -3.79 -23.35
C GLU D 45 31.05 -4.80 -24.30
N TRP D 46 30.58 -4.86 -25.55
CA TRP D 46 31.12 -5.78 -26.54
C TRP D 46 32.23 -5.18 -27.38
N HIS D 47 32.69 -3.95 -27.09
CA HIS D 47 33.54 -3.25 -28.05
C HIS D 47 34.91 -3.90 -28.22
N GLN D 48 35.37 -4.71 -27.26
CA GLN D 48 36.64 -5.40 -27.44
C GLN D 48 36.47 -6.70 -28.23
N LEU D 49 35.33 -7.37 -28.05
CA LEU D 49 35.05 -8.60 -28.81
C LEU D 49 34.73 -8.31 -30.26
N MET D 50 34.07 -7.17 -30.52
CA MET D 50 33.52 -6.92 -31.85
C MET D 50 34.56 -6.92 -32.97
N PRO D 51 35.71 -6.22 -32.87
CA PRO D 51 36.66 -6.23 -33.99
C PRO D 51 37.25 -7.60 -34.27
N GLU D 52 37.50 -8.40 -33.23
CA GLU D 52 38.03 -9.75 -33.44
C GLU D 52 36.99 -10.64 -34.09
N LEU D 53 35.76 -10.59 -33.58
CA LEU D 53 34.69 -11.41 -34.14
C LEU D 53 34.36 -11.00 -35.57
N ALA D 54 34.49 -9.70 -35.90
CA ALA D 54 34.14 -9.22 -37.22
C ALA D 54 35.11 -9.67 -38.29
N LYS D 55 36.21 -10.31 -37.91
CA LYS D 55 37.11 -10.91 -38.89
C LYS D 55 36.49 -12.12 -39.55
N ARG D 56 35.48 -12.74 -38.92
CA ARG D 56 34.86 -13.94 -39.46
C ARG D 56 33.35 -13.87 -39.56
N PHE D 57 32.70 -12.88 -38.92
CA PHE D 57 31.25 -12.76 -38.89
C PHE D 57 30.82 -11.32 -39.13
N THR D 58 29.58 -11.18 -39.59
CA THR D 58 28.89 -9.90 -39.48
C THR D 58 28.40 -9.77 -38.04
N VAL D 59 28.77 -8.69 -37.38
CA VAL D 59 28.52 -8.53 -35.95
C VAL D 59 27.58 -7.35 -35.76
N ILE D 60 26.50 -7.56 -35.01
CA ILE D 60 25.58 -6.47 -34.64
C ILE D 60 25.40 -6.49 -33.13
N ALA D 61 25.49 -5.32 -32.52
CA ALA D 61 25.33 -5.17 -31.08
C ALA D 61 24.29 -4.09 -30.83
N PRO D 62 23.05 -4.46 -30.57
CA PRO D 62 22.01 -3.45 -30.33
C PRO D 62 22.01 -2.96 -28.90
N ASP D 63 21.48 -1.76 -28.72
CA ASP D 63 21.07 -1.31 -27.40
C ASP D 63 19.68 -1.86 -27.09
N LEU D 64 19.51 -2.42 -25.90
CA LEU D 64 18.19 -2.92 -25.49
C LEU D 64 17.18 -1.78 -25.50
N PRO D 65 15.91 -2.07 -25.78
CA PRO D 65 14.89 -1.01 -25.78
C PRO D 65 14.96 -0.17 -24.52
N GLY D 66 14.99 1.16 -24.71
CA GLY D 66 15.03 2.10 -23.63
C GLY D 66 16.41 2.38 -23.08
N LEU D 67 17.37 1.50 -23.32
CA LEU D 67 18.75 1.68 -22.85
C LEU D 67 19.63 2.16 -24.01
N GLY D 68 20.82 2.64 -23.66
CA GLY D 68 21.69 3.26 -24.65
C GLY D 68 20.92 4.27 -25.50
N GLN D 69 21.00 4.13 -26.81
CA GLN D 69 20.33 5.05 -27.71
C GLN D 69 19.09 4.46 -28.36
N SER D 70 18.55 3.39 -27.78
CA SER D 70 17.34 2.74 -28.29
C SER D 70 16.09 3.30 -27.63
N GLU D 71 15.03 3.45 -28.42
CA GLU D 71 13.75 3.90 -27.92
C GLU D 71 13.15 2.85 -27.00
N PRO D 72 12.40 3.26 -25.98
CA PRO D 72 11.73 2.29 -25.11
C PRO D 72 10.76 1.44 -25.90
N PRO D 73 10.47 0.23 -25.44
CA PRO D 73 9.51 -0.63 -26.14
C PRO D 73 8.11 -0.05 -26.06
N LYS D 74 7.31 -0.36 -27.08
CA LYS D 74 5.92 0.07 -27.08
C LYS D 74 4.96 -1.00 -26.57
N THR D 75 5.41 -2.24 -26.46
CA THR D 75 4.59 -3.31 -25.89
C THR D 75 4.83 -3.42 -24.38
N GLY D 76 6.03 -3.85 -24.00
CA GLY D 76 6.34 -4.01 -22.59
C GLY D 76 7.76 -4.52 -22.43
N TYR D 77 8.13 -4.74 -21.17
CA TYR D 77 9.49 -5.10 -20.84
C TYR D 77 9.65 -6.56 -20.44
N SER D 78 8.59 -7.37 -20.55
CA SER D 78 8.73 -8.79 -20.25
C SER D 78 9.61 -9.43 -21.31
N GLY D 79 10.19 -10.58 -20.96
CA GLY D 79 11.11 -11.23 -21.88
C GLY D 79 10.50 -11.54 -23.22
N GLU D 80 9.24 -12.01 -23.23
CA GLU D 80 8.64 -12.36 -24.51
C GLU D 80 8.41 -11.13 -25.37
N GLN D 81 8.07 -10.01 -24.75
CA GLN D 81 7.81 -8.81 -25.53
C GLN D 81 9.11 -8.21 -26.09
N VAL D 82 10.17 -8.16 -25.27
CA VAL D 82 11.39 -7.55 -25.77
C VAL D 82 12.02 -8.45 -26.81
N ALA D 83 11.90 -9.77 -26.63
CA ALA D 83 12.54 -10.71 -27.54
C ALA D 83 12.04 -10.53 -28.96
N VAL D 84 10.76 -10.13 -29.12
CA VAL D 84 10.23 -9.86 -30.46
C VAL D 84 11.08 -8.81 -31.16
N TYR D 85 11.41 -7.72 -30.46
CA TYR D 85 12.19 -6.65 -31.09
C TYR D 85 13.55 -7.15 -31.53
N LEU D 86 14.23 -7.89 -30.66
CA LEU D 86 15.57 -8.37 -30.99
C LEU D 86 15.54 -9.42 -32.09
N HIS D 87 14.56 -10.33 -32.07
CA HIS D 87 14.46 -11.32 -33.14
C HIS D 87 14.23 -10.64 -34.49
N LYS D 88 13.30 -9.69 -34.53
CA LYS D 88 13.00 -9.04 -35.81
C LYS D 88 14.16 -8.18 -36.29
N LEU D 89 14.88 -7.53 -35.38
CA LEU D 89 16.08 -6.80 -35.80
C LEU D 89 17.09 -7.73 -36.44
N ALA D 90 17.36 -8.87 -35.78
CA ALA D 90 18.30 -9.84 -36.33
C ALA D 90 17.87 -10.33 -37.70
N ARG D 91 16.57 -10.64 -37.85
CA ARG D 91 16.12 -11.16 -39.13
CA ARG D 91 16.08 -11.15 -39.12
C ARG D 91 16.18 -10.12 -40.23
N GLN D 92 16.18 -8.81 -39.89
CA GLN D 92 16.39 -7.81 -40.93
C GLN D 92 17.76 -7.96 -41.58
N PHE D 93 18.74 -8.40 -40.80
CA PHE D 93 20.11 -8.50 -41.32
C PHE D 93 20.48 -9.91 -41.72
N SER D 94 19.73 -10.92 -41.27
CA SER D 94 20.01 -12.31 -41.60
C SER D 94 18.72 -13.03 -41.95
N PRO D 95 18.01 -12.56 -42.98
CA PRO D 95 16.71 -13.18 -43.29
C PRO D 95 16.81 -14.59 -43.87
N ASP D 96 17.94 -14.97 -44.48
CA ASP D 96 18.04 -16.23 -45.20
C ASP D 96 18.92 -17.28 -44.53
N ARG D 97 19.50 -16.98 -43.38
CA ARG D 97 20.38 -17.90 -42.67
C ARG D 97 20.09 -17.80 -41.18
N PRO D 98 20.28 -18.88 -40.43
CA PRO D 98 20.28 -18.75 -38.97
C PRO D 98 21.45 -17.89 -38.51
N PHE D 99 21.26 -17.22 -37.38
CA PHE D 99 22.28 -16.35 -36.84
C PHE D 99 22.71 -16.86 -35.46
N ASP D 100 23.88 -16.40 -35.02
CA ASP D 100 24.36 -16.72 -33.68
C ASP D 100 23.91 -15.66 -32.69
N LEU D 101 23.75 -16.07 -31.44
CA LEU D 101 23.32 -15.16 -30.39
C LEU D 101 24.23 -15.28 -29.18
N VAL D 102 24.76 -14.16 -28.72
CA VAL D 102 25.55 -14.08 -27.50
C VAL D 102 24.86 -13.07 -26.58
N ALA D 103 24.57 -13.47 -25.34
CA ALA D 103 23.89 -12.54 -24.44
C ALA D 103 24.48 -12.61 -23.03
N HIS D 104 24.45 -11.46 -22.36
CA HIS D 104 24.99 -11.27 -21.01
C HIS D 104 23.92 -10.63 -20.13
N SER D 105 23.85 -11.05 -18.87
CA SER D 105 22.98 -10.36 -17.88
C SER D 105 21.54 -10.39 -18.40
N ILE D 106 20.77 -9.30 -18.29
CA ILE D 106 19.38 -9.33 -18.70
C ILE D 106 19.23 -9.47 -20.22
N GLY D 107 20.34 -9.39 -20.96
CA GLY D 107 20.30 -9.81 -22.36
C GLY D 107 19.78 -11.24 -22.53
N ILE D 108 20.06 -12.10 -21.54
CA ILE D 108 19.50 -13.45 -21.54
C ILE D 108 17.98 -13.40 -21.40
N TRP D 109 17.48 -12.60 -20.45
CA TRP D 109 16.04 -12.53 -20.22
C TRP D 109 15.32 -12.10 -21.48
N ASN D 110 15.94 -11.22 -22.23
CA ASN D 110 15.31 -10.56 -23.37
C ASN D 110 15.53 -11.31 -24.66
N THR D 111 16.21 -12.46 -24.62
CA THR D 111 16.42 -13.25 -25.82
C THR D 111 15.90 -14.67 -25.71
N TYR D 112 15.89 -15.26 -24.51
CA TYR D 112 15.50 -16.67 -24.39
C TYR D 112 14.17 -16.98 -25.07
N PRO D 113 13.11 -16.18 -24.93
CA PRO D 113 11.85 -16.55 -25.59
C PRO D 113 11.95 -16.61 -27.10
N MET D 114 12.67 -15.69 -27.74
CA MET D 114 12.76 -15.79 -29.19
C MET D 114 13.70 -16.92 -29.64
N VAL D 115 14.65 -17.33 -28.78
CA VAL D 115 15.47 -18.50 -29.10
C VAL D 115 14.63 -19.76 -29.06
N VAL D 116 13.86 -19.95 -27.98
CA VAL D 116 13.13 -21.20 -27.84
C VAL D 116 11.98 -21.28 -28.85
N LYS D 117 11.43 -20.14 -29.27
CA LYS D 117 10.30 -20.15 -30.21
C LYS D 117 10.73 -20.13 -31.67
N ASN D 118 11.99 -19.81 -31.97
CA ASN D 118 12.48 -19.72 -33.34
C ASN D 118 13.80 -20.46 -33.50
N GLN D 119 13.80 -21.74 -33.09
CA GLN D 119 15.06 -22.45 -32.97
C GLN D 119 15.76 -22.62 -34.31
N ALA D 120 15.00 -22.74 -35.41
CA ALA D 120 15.63 -22.83 -36.72
C ALA D 120 16.34 -21.55 -37.13
N ASP D 121 16.07 -20.42 -36.46
CA ASP D 121 16.74 -19.17 -36.74
C ASP D 121 18.05 -18.99 -36.00
N ILE D 122 18.37 -19.88 -35.06
CA ILE D 122 19.49 -19.70 -34.15
C ILE D 122 20.51 -20.80 -34.42
N ALA D 123 21.68 -20.42 -34.96
CA ALA D 123 22.69 -21.43 -35.25
C ALA D 123 23.36 -21.91 -33.97
N ARG D 124 23.99 -20.99 -33.24
CA ARG D 124 24.68 -21.29 -31.98
C ARG D 124 24.34 -20.23 -30.95
N LEU D 125 24.39 -20.63 -29.67
CA LEU D 125 23.91 -19.81 -28.57
C LEU D 125 25.00 -19.70 -27.49
N VAL D 126 25.29 -18.48 -27.03
CA VAL D 126 26.21 -18.29 -25.92
C VAL D 126 25.51 -17.41 -24.88
N TYR D 127 25.37 -17.93 -23.66
CA TYR D 127 24.74 -17.21 -22.56
C TYR D 127 25.76 -17.05 -21.44
N MET D 128 25.88 -15.84 -20.89
CA MET D 128 26.80 -15.65 -19.77
C MET D 128 26.20 -14.80 -18.66
N GLU D 129 26.43 -15.24 -17.42
CA GLU D 129 26.31 -14.40 -16.22
C GLU D 129 24.91 -13.81 -16.04
N ALA D 130 23.91 -14.69 -15.96
CA ALA D 130 22.60 -14.35 -15.44
C ALA D 130 21.72 -15.58 -15.48
N PRO D 131 20.79 -15.75 -14.54
CA PRO D 131 19.85 -16.85 -14.66
C PRO D 131 18.85 -16.59 -15.77
N ILE D 132 18.49 -17.63 -16.50
CA ILE D 132 17.21 -17.56 -17.22
C ILE D 132 16.11 -17.37 -16.19
N PRO D 133 15.17 -16.46 -16.39
CA PRO D 133 14.11 -16.27 -15.39
C PRO D 133 13.29 -17.53 -15.20
N ASP D 134 13.40 -18.14 -14.04
CA ASP D 134 12.57 -19.27 -13.68
C ASP D 134 12.57 -19.36 -12.14
N ALA D 135 12.00 -20.43 -11.61
CA ALA D 135 11.78 -20.53 -10.17
C ALA D 135 13.08 -20.56 -9.39
N ARG D 136 14.20 -20.90 -10.04
CA ARG D 136 15.49 -20.92 -9.35
C ARG D 136 15.84 -19.55 -8.77
N ILE D 137 15.35 -18.47 -9.37
CA ILE D 137 15.72 -17.15 -8.86
C ILE D 137 15.15 -16.90 -7.47
N TYR D 138 14.10 -17.62 -7.09
CA TYR D 138 13.51 -17.43 -5.77
C TYR D 138 14.31 -18.11 -4.67
N ARG D 139 15.37 -18.83 -5.01
CA ARG D 139 16.26 -19.50 -4.07
CA ARG D 139 16.23 -19.47 -4.00
C ARG D 139 17.41 -18.61 -3.59
N PHE D 140 17.75 -17.58 -4.36
CA PHE D 140 18.89 -16.75 -4.00
C PHE D 140 18.62 -16.04 -2.68
N PRO D 141 19.61 -15.96 -1.79
CA PRO D 141 19.38 -15.34 -0.47
C PRO D 141 19.35 -13.82 -0.48
N ALA D 142 18.60 -13.28 0.48
CA ALA D 142 18.52 -11.82 0.64
C ALA D 142 19.76 -11.23 1.29
N PHE D 143 20.54 -12.04 1.99
CA PHE D 143 21.63 -11.56 2.84
C PHE D 143 22.58 -12.74 3.05
N THR D 144 23.86 -12.44 3.24
CA THR D 144 24.88 -13.47 3.42
C THR D 144 25.72 -13.14 4.65
N ALA D 145 26.43 -14.16 5.16
CA ALA D 145 27.32 -13.97 6.30
C ALA D 145 28.51 -13.07 5.99
N GLN D 146 28.72 -12.72 4.72
CA GLN D 146 29.77 -11.81 4.30
C GLN D 146 29.26 -10.41 3.97
N GLY D 147 27.94 -10.19 4.01
CA GLY D 147 27.37 -8.90 3.66
C GLY D 147 26.31 -9.04 2.57
N GLU D 148 26.23 -8.02 1.72
CA GLU D 148 25.14 -7.97 0.75
C GLU D 148 25.20 -9.16 -0.20
N SER D 149 24.02 -9.66 -0.59
CA SER D 149 23.93 -10.81 -1.45
C SER D 149 24.01 -10.41 -2.93
N LEU D 150 24.05 -11.42 -3.79
CA LEU D 150 24.26 -11.20 -5.22
C LEU D 150 23.08 -10.50 -5.88
N VAL D 151 21.84 -10.86 -5.51
CA VAL D 151 20.71 -10.36 -6.30
C VAL D 151 19.61 -9.70 -5.46
N TRP D 152 19.97 -9.13 -4.32
CA TRP D 152 18.98 -8.32 -3.60
C TRP D 152 18.45 -7.18 -4.48
N HIS D 153 19.21 -6.77 -5.49
CA HIS D 153 18.74 -5.73 -6.39
C HIS D 153 17.52 -6.15 -7.20
N PHE D 154 17.25 -7.44 -7.36
CA PHE D 154 15.99 -7.84 -8.01
C PHE D 154 14.81 -7.20 -7.28
N SER D 155 14.82 -7.22 -5.95
CA SER D 155 13.73 -6.62 -5.19
C SER D 155 13.79 -5.09 -5.24
N PHE D 156 14.97 -4.52 -5.05
CA PHE D 156 15.15 -3.07 -5.11
C PHE D 156 14.61 -2.53 -6.43
N PHE D 157 15.03 -3.14 -7.54
CA PHE D 157 14.65 -2.63 -8.85
C PHE D 157 13.20 -2.93 -9.18
N ALA D 158 12.65 -4.04 -8.68
CA ALA D 158 11.27 -4.38 -9.00
C ALA D 158 10.25 -3.62 -8.14
N ALA D 159 10.69 -2.97 -7.08
CA ALA D 159 9.79 -2.28 -6.16
C ALA D 159 8.98 -1.21 -6.90
N ASP D 160 7.76 -0.93 -6.40
CA ASP D 160 6.93 0.09 -7.01
C ASP D 160 7.29 1.47 -6.48
N ASP D 161 6.40 2.45 -6.66
CA ASP D 161 6.64 3.85 -6.30
C ASP D 161 7.87 4.43 -6.99
N ARG D 162 8.33 3.84 -8.10
CA ARG D 162 9.60 4.22 -8.72
CA ARG D 162 9.59 4.25 -8.71
C ARG D 162 10.70 4.34 -7.67
N LEU D 163 10.74 3.35 -6.77
CA LEU D 163 11.70 3.39 -5.67
C LEU D 163 13.12 3.58 -6.18
N ALA D 164 13.54 2.74 -7.12
CA ALA D 164 14.93 2.79 -7.57
C ALA D 164 15.22 4.10 -8.31
N GLU D 165 14.34 4.52 -9.23
CA GLU D 165 14.59 5.77 -9.94
C GLU D 165 14.68 6.94 -8.99
N THR D 166 13.84 6.95 -7.96
CA THR D 166 13.77 8.11 -7.08
C THR D 166 15.02 8.20 -6.21
N LEU D 167 15.51 7.05 -5.73
CA LEU D 167 16.69 7.08 -4.88
C LEU D 167 17.97 7.28 -5.68
N ILE D 168 18.03 6.74 -6.90
CA ILE D 168 19.27 6.77 -7.67
C ILE D 168 19.43 8.05 -8.49
N ALA D 169 18.33 8.73 -8.84
CA ALA D 169 18.45 9.97 -9.59
C ALA D 169 19.29 10.99 -8.81
N GLY D 170 20.25 11.60 -9.51
CA GLY D 170 21.22 12.45 -8.87
C GLY D 170 22.40 11.74 -8.26
N LYS D 171 22.38 10.41 -8.21
CA LYS D 171 23.48 9.60 -7.70
C LYS D 171 23.77 8.43 -8.64
N GLU D 172 23.55 8.62 -9.94
CA GLU D 172 23.62 7.49 -10.88
C GLU D 172 25.05 6.95 -10.98
N ARG D 173 26.04 7.85 -11.05
CA ARG D 173 27.44 7.42 -11.10
C ARG D 173 27.85 6.72 -9.80
N PHE D 174 27.45 7.27 -8.66
CA PHE D 174 27.75 6.64 -7.38
C PHE D 174 27.16 5.24 -7.29
N PHE D 175 25.89 5.11 -7.65
CA PHE D 175 25.25 3.80 -7.52
C PHE D 175 25.87 2.80 -8.48
N LEU D 176 26.11 3.21 -9.73
CA LEU D 176 26.60 2.24 -10.71
C LEU D 176 28.01 1.78 -10.35
N GLU D 177 28.85 2.68 -9.84
CA GLU D 177 30.17 2.23 -9.38
C GLU D 177 30.04 1.21 -8.25
N HIS D 178 29.17 1.47 -7.28
CA HIS D 178 28.99 0.48 -6.22
C HIS D 178 28.48 -0.83 -6.79
N PHE D 179 27.48 -0.76 -7.68
CA PHE D 179 26.86 -1.97 -8.23
C PHE D 179 27.87 -2.77 -9.02
N ILE D 180 28.64 -2.09 -9.88
CA ILE D 180 29.63 -2.81 -10.70
C ILE D 180 30.68 -3.46 -9.81
N LYS D 181 31.21 -2.71 -8.84
CA LYS D 181 32.30 -3.25 -8.04
C LYS D 181 31.82 -4.33 -7.07
N SER D 182 30.58 -4.23 -6.58
CA SER D 182 30.07 -5.29 -5.72
C SER D 182 29.83 -6.59 -6.48
N HIS D 183 29.74 -6.55 -7.82
CA HIS D 183 29.56 -7.74 -8.62
C HIS D 183 30.82 -8.09 -9.40
N ALA D 184 31.94 -7.46 -9.09
CA ALA D 184 33.20 -7.67 -9.78
C ALA D 184 34.19 -8.42 -8.90
N SER D 185 35.06 -9.20 -9.55
CA SER D 185 36.29 -9.64 -8.90
C SER D 185 37.43 -8.67 -9.18
N ASN D 186 37.55 -8.20 -10.41
CA ASN D 186 38.64 -7.31 -10.81
CA ASN D 186 38.64 -7.32 -10.85
C ASN D 186 38.05 -5.95 -11.11
N THR D 187 38.06 -5.08 -10.09
CA THR D 187 37.51 -3.75 -10.28
C THR D 187 38.46 -2.84 -11.06
N GLU D 188 39.73 -3.21 -11.20
CA GLU D 188 40.68 -2.35 -11.88
C GLU D 188 40.39 -2.19 -13.35
N VAL D 189 39.64 -3.12 -13.96
CA VAL D 189 39.33 -3.00 -15.38
C VAL D 189 38.30 -1.91 -15.64
N PHE D 190 37.69 -1.35 -14.61
CA PHE D 190 36.68 -0.28 -14.75
C PHE D 190 37.31 1.05 -14.36
N SER D 191 37.85 1.74 -15.36
CA SER D 191 38.42 3.06 -15.13
C SER D 191 37.33 4.05 -14.71
N GLU D 192 37.77 5.16 -14.10
CA GLU D 192 36.82 6.21 -13.75
C GLU D 192 36.09 6.72 -14.99
N ARG D 193 36.80 6.78 -16.12
CA ARG D 193 36.19 7.25 -17.36
C ARG D 193 35.14 6.28 -17.89
N LEU D 194 35.42 4.98 -17.84
CA LEU D 194 34.44 4.01 -18.30
C LEU D 194 33.17 4.09 -17.45
N LEU D 195 33.33 4.23 -16.13
CA LEU D 195 32.17 4.37 -15.27
C LEU D 195 31.39 5.63 -15.61
N ASP D 196 32.11 6.70 -15.95
CA ASP D 196 31.45 7.95 -16.36
C ASP D 196 30.56 7.72 -17.58
N LEU D 197 31.08 6.99 -18.57
CA LEU D 197 30.33 6.77 -19.80
C LEU D 197 29.08 5.94 -19.55
N TYR D 198 29.19 4.84 -18.82
CA TYR D 198 28.01 4.03 -18.53
C TYR D 198 27.02 4.79 -17.67
N ALA D 199 27.51 5.55 -16.67
CA ALA D 199 26.61 6.28 -15.80
C ALA D 199 25.84 7.34 -16.58
N ARG D 200 26.50 8.06 -17.49
CA ARG D 200 25.79 9.13 -18.17
CA ARG D 200 25.81 9.13 -18.21
C ARG D 200 24.72 8.56 -19.12
N SER D 201 24.91 7.34 -19.62
CA SER D 201 23.91 6.73 -20.50
C SER D 201 22.66 6.33 -19.71
N TYR D 202 22.84 5.56 -18.64
CA TYR D 202 21.65 5.08 -17.96
C TYR D 202 21.03 6.15 -17.08
N ALA D 203 21.72 7.29 -16.91
CA ALA D 203 21.16 8.40 -16.16
C ALA D 203 20.08 9.14 -16.93
N LYS D 204 20.03 9.01 -18.27
CA LYS D 204 18.91 9.56 -19.01
C LYS D 204 17.61 9.09 -18.38
N PRO D 205 16.67 10.00 -18.05
CA PRO D 205 15.47 9.57 -17.30
C PRO D 205 14.74 8.39 -17.92
N HIS D 206 14.54 8.36 -19.24
CA HIS D 206 13.84 7.20 -19.79
C HIS D 206 14.68 5.95 -19.70
N SER D 207 16.01 6.07 -19.64
CA SER D 207 16.88 4.90 -19.55
C SER D 207 16.99 4.41 -18.11
N LEU D 208 16.99 5.33 -17.14
CA LEU D 208 16.95 4.92 -15.75
C LEU D 208 15.68 4.13 -15.46
N ASN D 209 14.55 4.62 -15.97
CA ASN D 209 13.29 3.90 -15.78
C ASN D 209 13.30 2.58 -16.54
N ALA D 210 13.72 2.60 -17.80
CA ALA D 210 13.76 1.37 -18.59
C ALA D 210 14.56 0.29 -17.88
N SER D 211 15.71 0.66 -17.30
CA SER D 211 16.55 -0.28 -16.57
C SER D 211 15.74 -1.08 -15.57
N PHE D 212 14.91 -0.40 -14.79
CA PHE D 212 14.21 -1.08 -13.71
C PHE D 212 12.91 -1.72 -14.18
N GLU D 213 12.33 -1.26 -15.29
CA GLU D 213 11.13 -1.93 -15.80
C GLU D 213 11.43 -3.37 -16.20
N TYR D 214 12.66 -3.66 -16.64
CA TYR D 214 13.02 -5.06 -16.91
C TYR D 214 12.83 -5.92 -15.67
N TYR D 215 13.18 -5.38 -14.51
CA TYR D 215 13.00 -6.09 -13.25
C TYR D 215 11.56 -6.08 -12.77
N ARG D 216 10.82 -5.00 -13.05
CA ARG D 216 9.40 -5.00 -12.71
C ARG D 216 8.61 -6.00 -13.53
N ALA D 217 9.16 -6.46 -14.67
CA ALA D 217 8.53 -7.50 -15.47
C ALA D 217 9.13 -8.89 -15.21
N LEU D 218 10.03 -9.01 -14.22
CA LEU D 218 10.75 -10.26 -14.03
C LEU D 218 9.82 -11.42 -13.65
N ASN D 219 8.89 -11.21 -12.72
CA ASN D 219 8.00 -12.31 -12.38
C ASN D 219 7.12 -12.69 -13.55
N GLU D 220 6.70 -11.71 -14.37
CA GLU D 220 5.95 -12.05 -15.58
C GLU D 220 6.81 -12.90 -16.51
N SER D 221 8.09 -12.55 -16.65
CA SER D 221 8.99 -13.34 -17.50
C SER D 221 9.15 -14.76 -16.97
N VAL D 222 9.26 -14.92 -15.64
CA VAL D 222 9.29 -16.25 -15.03
C VAL D 222 8.05 -17.05 -15.44
N ARG D 223 6.87 -16.44 -15.34
CA ARG D 223 5.64 -17.15 -15.67
C ARG D 223 5.59 -17.49 -17.15
N GLN D 224 6.04 -16.57 -18.02
CA GLN D 224 6.13 -16.85 -19.44
C GLN D 224 7.02 -18.04 -19.71
N ASN D 225 8.23 -18.03 -19.12
CA ASN D 225 9.21 -19.08 -19.36
C ASN D 225 8.76 -20.42 -18.82
N ALA D 226 7.89 -20.44 -17.80
CA ALA D 226 7.37 -21.72 -17.32
C ALA D 226 6.66 -22.48 -18.43
N GLU D 227 5.94 -21.77 -19.30
CA GLU D 227 5.32 -22.42 -20.46
C GLU D 227 6.32 -22.66 -21.59
N LEU D 228 7.20 -21.70 -21.86
CA LEU D 228 8.14 -21.84 -22.98
C LEU D 228 9.10 -23.01 -22.77
N ALA D 229 9.53 -23.24 -21.53
CA ALA D 229 10.53 -24.25 -21.23
C ALA D 229 10.03 -25.67 -21.42
N LYS D 230 8.76 -25.87 -21.79
CA LYS D 230 8.32 -27.20 -22.17
C LYS D 230 9.02 -27.70 -23.42
N THR D 231 9.62 -26.79 -24.20
CA THR D 231 10.38 -27.12 -25.41
C THR D 231 11.87 -26.90 -25.12
N ARG D 232 12.63 -27.99 -25.13
CA ARG D 232 14.07 -27.94 -24.92
C ARG D 232 14.77 -27.21 -26.07
N LEU D 233 15.87 -26.53 -25.75
CA LEU D 233 16.73 -25.93 -26.78
C LEU D 233 17.59 -27.02 -27.42
N GLN D 234 17.63 -27.04 -28.75
CA GLN D 234 18.36 -28.08 -29.48
C GLN D 234 19.64 -27.59 -30.14
N MET D 235 19.89 -26.29 -30.21
CA MET D 235 21.09 -25.82 -30.90
C MET D 235 22.31 -25.91 -29.99
N PRO D 236 23.51 -26.00 -30.57
CA PRO D 236 24.74 -26.00 -29.75
C PRO D 236 24.81 -24.74 -28.88
N THR D 237 25.06 -24.95 -27.59
CA THR D 237 25.04 -23.87 -26.62
C THR D 237 26.31 -23.90 -25.78
N MET D 238 26.81 -22.72 -25.43
CA MET D 238 27.88 -22.57 -24.46
C MET D 238 27.45 -21.58 -23.40
N THR D 239 27.73 -21.90 -22.14
CA THR D 239 27.59 -20.95 -21.05
C THR D 239 28.96 -20.53 -20.53
N LEU D 240 29.06 -19.29 -20.09
CA LEU D 240 30.23 -18.80 -19.39
C LEU D 240 29.80 -18.15 -18.09
N ALA D 241 30.60 -18.29 -17.06
CA ALA D 241 30.29 -17.67 -15.77
C ALA D 241 31.60 -17.32 -15.08
N GLY D 242 31.54 -16.29 -14.23
CA GLY D 242 32.71 -15.93 -13.45
C GLY D 242 32.87 -16.86 -12.25
N GLY D 243 34.11 -17.24 -11.98
CA GLY D 243 34.37 -18.06 -10.82
C GLY D 243 34.76 -17.32 -9.57
N GLY D 244 34.96 -16.00 -9.67
CA GLY D 244 35.38 -15.19 -8.54
C GLY D 244 34.21 -14.50 -7.88
N HIS D 245 34.54 -13.61 -6.95
CA HIS D 245 33.53 -12.80 -6.28
C HIS D 245 32.66 -12.06 -7.32
N GLY D 246 31.35 -12.10 -7.09
CA GLY D 246 30.40 -11.48 -8.00
C GLY D 246 29.89 -12.39 -9.11
N GLY D 247 30.50 -13.54 -9.33
CA GLY D 247 30.14 -14.37 -10.46
C GLY D 247 29.04 -15.39 -10.12
N MET D 248 28.49 -16.01 -11.17
CA MET D 248 27.46 -17.03 -10.99
C MET D 248 28.04 -18.41 -10.73
N GLY D 249 29.31 -18.64 -11.05
CA GLY D 249 29.91 -19.93 -10.75
C GLY D 249 29.21 -21.05 -11.48
N THR D 250 29.09 -22.20 -10.81
CA THR D 250 28.51 -23.38 -11.43
C THR D 250 27.02 -23.23 -11.75
N PHE D 251 26.35 -22.21 -11.22
CA PHE D 251 24.90 -22.08 -11.43
C PHE D 251 24.58 -21.97 -12.91
N GLN D 252 25.40 -21.26 -13.68
CA GLN D 252 25.05 -20.95 -15.06
C GLN D 252 24.88 -22.23 -15.87
N LEU D 253 25.89 -23.10 -15.83
CA LEU D 253 25.81 -24.33 -16.61
C LEU D 253 24.78 -25.28 -16.03
N GLU D 254 24.70 -25.38 -14.70
CA GLU D 254 23.76 -26.32 -14.11
C GLU D 254 22.31 -25.96 -14.49
N GLN D 255 21.97 -24.67 -14.46
CA GLN D 255 20.65 -24.28 -14.94
C GLN D 255 20.49 -24.58 -16.42
N MET D 256 21.50 -24.26 -17.23
CA MET D 256 21.35 -24.42 -18.67
C MET D 256 21.17 -25.90 -19.04
N LYS D 257 21.75 -26.82 -18.26
CA LYS D 257 21.56 -28.24 -18.53
C LYS D 257 20.08 -28.62 -18.52
N ALA D 258 19.26 -27.91 -17.76
CA ALA D 258 17.83 -28.18 -17.73
C ALA D 258 17.12 -27.67 -18.96
N TYR D 259 17.74 -26.75 -19.70
CA TYR D 259 17.12 -26.12 -20.85
C TYR D 259 17.64 -26.64 -22.18
N ALA D 260 18.89 -27.04 -22.25
CA ALA D 260 19.55 -27.31 -23.52
C ALA D 260 20.07 -28.74 -23.55
N GLU D 261 19.86 -29.41 -24.68
CA GLU D 261 20.36 -30.78 -24.85
C GLU D 261 21.85 -30.82 -25.13
N ASP D 262 22.39 -29.79 -25.78
CA ASP D 262 23.77 -29.80 -26.28
C ASP D 262 24.45 -28.55 -25.71
N VAL D 263 25.03 -28.67 -24.53
CA VAL D 263 25.59 -27.49 -23.85
C VAL D 263 26.93 -27.84 -23.23
N GLU D 264 27.88 -26.91 -23.39
CA GLU D 264 29.16 -26.95 -22.70
C GLU D 264 29.28 -25.67 -21.90
N GLY D 265 29.98 -25.74 -20.78
CA GLY D 265 30.10 -24.60 -19.90
C GLY D 265 31.52 -24.40 -19.44
N HIS D 266 31.83 -23.15 -19.12
CA HIS D 266 33.13 -22.78 -18.56
C HIS D 266 32.90 -21.82 -17.42
N VAL D 267 33.69 -21.99 -16.35
CA VAL D 267 33.74 -21.05 -15.25
C VAL D 267 35.13 -20.43 -15.27
N LEU D 268 35.19 -19.09 -15.28
CA LEU D 268 36.45 -18.40 -15.47
CA LEU D 268 36.45 -18.40 -15.47
C LEU D 268 37.00 -17.95 -14.12
N PRO D 269 38.07 -18.59 -13.63
CA PRO D 269 38.63 -18.18 -12.34
C PRO D 269 39.17 -16.77 -12.41
N GLY D 270 39.02 -16.04 -11.31
CA GLY D 270 39.52 -14.67 -11.20
C GLY D 270 38.63 -13.64 -11.84
N CYS D 271 37.40 -14.01 -12.21
CA CYS D 271 36.47 -13.14 -12.91
C CYS D 271 35.15 -13.11 -12.16
N GLY D 272 34.55 -11.93 -12.10
CA GLY D 272 33.22 -11.83 -11.52
C GLY D 272 32.12 -11.80 -12.56
N HIS D 273 31.19 -10.86 -12.40
CA HIS D 273 30.00 -10.81 -13.24
C HIS D 273 30.26 -10.20 -14.61
N TRP D 274 31.22 -9.28 -14.71
CA TRP D 274 31.38 -8.45 -15.90
C TRP D 274 32.40 -9.06 -16.85
N LEU D 275 32.07 -10.25 -17.35
CA LEU D 275 33.06 -11.02 -18.12
C LEU D 275 33.71 -10.25 -19.26
N PRO D 276 32.97 -9.54 -20.13
CA PRO D 276 33.64 -8.87 -21.25
C PRO D 276 34.72 -7.89 -20.82
N GLU D 277 34.58 -7.25 -19.66
CA GLU D 277 35.62 -6.35 -19.15
C GLU D 277 36.60 -7.02 -18.21
N GLU D 278 36.13 -7.84 -17.28
CA GLU D 278 37.04 -8.41 -16.31
C GLU D 278 37.93 -9.46 -16.93
N CYS D 279 37.44 -10.15 -17.93
CA CYS D 279 38.14 -11.30 -18.49
C CYS D 279 37.97 -11.30 -20.01
N ALA D 280 38.26 -10.13 -20.60
CA ALA D 280 38.07 -9.92 -22.03
C ALA D 280 38.79 -10.98 -22.86
N ALA D 281 40.08 -11.20 -22.59
CA ALA D 281 40.84 -12.08 -23.49
C ALA D 281 40.34 -13.52 -23.45
N PRO D 282 40.18 -14.17 -22.28
CA PRO D 282 39.65 -15.54 -22.31
C PRO D 282 38.21 -15.60 -22.77
N MET D 283 37.37 -14.64 -22.36
CA MET D 283 35.99 -14.67 -22.81
C MET D 283 35.92 -14.55 -24.32
N ASN D 284 36.68 -13.61 -24.89
CA ASN D 284 36.68 -13.43 -26.34
C ASN D 284 37.12 -14.72 -27.03
N ARG D 285 38.19 -15.33 -26.52
CA ARG D 285 38.72 -16.54 -27.13
C ARG D 285 37.67 -17.66 -27.13
N LEU D 286 37.01 -17.86 -25.99
CA LEU D 286 36.05 -18.96 -25.89
C LEU D 286 34.86 -18.72 -26.80
N VAL D 287 34.38 -17.48 -26.89
CA VAL D 287 33.26 -17.15 -27.77
C VAL D 287 33.65 -17.33 -29.23
N ILE D 288 34.77 -16.74 -29.64
CA ILE D 288 35.21 -16.83 -31.03
C ILE D 288 35.37 -18.29 -31.44
N ASP D 289 36.03 -19.08 -30.60
CA ASP D 289 36.29 -20.47 -30.94
C ASP D 289 34.99 -21.28 -30.99
N PHE D 290 34.09 -21.05 -30.03
CA PHE D 290 32.82 -21.79 -30.05
C PHE D 290 32.01 -21.46 -31.31
N LEU D 291 31.94 -20.17 -31.66
CA LEU D 291 31.14 -19.80 -32.83
C LEU D 291 31.81 -20.21 -34.13
N SER D 292 33.14 -20.29 -34.14
CA SER D 292 33.87 -20.63 -35.36
C SER D 292 33.84 -22.13 -35.64
N ARG D 293 33.32 -22.96 -34.74
CA ARG D 293 33.06 -24.36 -35.09
C ARG D 293 31.98 -24.49 -36.16
N GLY D 294 31.13 -23.46 -36.32
CA GLY D 294 30.20 -23.41 -37.42
C GLY D 294 30.78 -22.65 -38.61
N ARG D 295 29.98 -22.55 -39.67
CA ARG D 295 30.44 -21.88 -40.88
C ARG D 295 30.61 -20.38 -40.64
N HIS D 296 31.69 -19.82 -41.19
CA HIS D 296 31.98 -18.41 -41.04
C HIS D 296 32.83 -17.93 -42.21
N HIS D 297 32.97 -16.62 -42.32
CA HIS D 297 33.70 -16.00 -43.42
C HIS D 297 35.19 -16.37 -43.39
#